data_6UWV
#
_entry.id   6UWV
#
_cell.length_a   86.489
_cell.length_b   89.694
_cell.length_c   131.374
_cell.angle_alpha   90.000
_cell.angle_beta   90.000
_cell.angle_gamma   90.000
#
_symmetry.space_group_name_H-M   'P 21 21 21'
#
loop_
_entity.id
_entity.type
_entity.pdbx_description
1 polymer 'Beta-secretase 1'
2 non-polymer (4aR,7aR)-7a-[(1R,2R)-2-(2-{[(1R,2R)-2-methylcyclopropyl]methoxy}propan-2-yl)cyclopropyl]-6-(pyrimidin-2-yl)-4,4a,5,6,7,7a-hexahydropyrrolo[3,4-d][1,3]thiazin-2-amine
3 non-polymer GLYCEROL
4 non-polymer 'SULFATE ION'
5 water water
#
_entity_poly.entity_id   1
_entity_poly.type   'polypeptide(L)'
_entity_poly.pdbx_seq_one_letter_code
;MAGVLPAHGTQHGIRLPLRSGLGGAPLGLRLPRETDEEPEEPGRRGSFVEMVDNLRGKSGQGYYVEMTVGSPPQTLNILV
DTGSSNFAVGAAPHPFLHRYYQRQLSSTYRDLRKGVYVPYTQGKWEGELGTDLVSIPHGPNVTVRANIAAITESDKFFIN
GSNWEGILGLAYAEIARPDDSLEPFFDSLVKQTHVPNLFSLQLCGAGFPLNQSEVLASVGGSMIIGGIDHSLYTGSLWYT
PIRREWYYEVIIVRVEINGQDLKMDCKEYNYDKSIVDSGTTNLRLPKKVFEAAVKSIKAASSTEKFPDGFWLGEQLVCWQ
AGTTPWNIFPVISLYLMGEVTNQSFRITILPQQYLRPVEDVATSQDDCYKFAISQSSTGTVMGAVIMEGFYVVFDRARKR
IGFAVSACHVHDEFRTAAVEGPFVTLDMEDCGYNIPQTDEST
;
_entity_poly.pdbx_strand_id   A,B
#
loop_
_chem_comp.id
_chem_comp.type
_chem_comp.name
_chem_comp.formula
GOL non-polymer GLYCEROL 'C3 H8 O3'
QK7 non-polymer (4aR,7aR)-7a-[(1R,2R)-2-(2-{[(1R,2R)-2-methylcyclopropyl]methoxy}propan-2-yl)cyclopropyl]-6-(pyrimidin-2-yl)-4,4a,5,6,7,7a-hexahydropyrrolo[3,4-d][1,3]thiazin-2-amine 'C21 H31 N5 O S'
SO4 non-polymer 'SULFATE ION' 'O4 S -2'
#
# COMPACT_ATOMS: atom_id res chain seq x y z
N ARG A 44 4.28 14.65 23.77
CA ARG A 44 5.54 13.93 23.36
C ARG A 44 5.99 14.43 21.99
N ARG A 45 7.12 15.15 21.96
CA ARG A 45 7.72 15.56 20.70
C ARG A 45 8.67 14.48 20.21
N GLY A 46 8.76 14.32 18.87
CA GLY A 46 9.72 13.43 18.24
C GLY A 46 10.91 14.19 17.65
N SER A 47 12.07 14.05 18.30
CA SER A 47 13.18 14.92 18.04
C SER A 47 14.19 14.28 17.10
N PHE A 48 13.89 13.09 16.54
CA PHE A 48 14.84 12.47 15.61
C PHE A 48 14.20 12.07 14.29
N VAL A 49 13.58 13.06 13.62
CA VAL A 49 12.80 12.82 12.41
C VAL A 49 13.63 12.17 11.31
N GLU A 50 14.94 12.51 11.21
CA GLU A 50 15.84 12.01 10.19
CA GLU A 50 15.76 12.00 10.12
C GLU A 50 15.95 10.49 10.26
N MET A 51 15.78 9.94 11.48
CA MET A 51 16.01 8.50 11.67
C MET A 51 14.72 7.71 11.86
N VAL A 52 13.60 8.38 12.15
CA VAL A 52 12.35 7.66 12.29
C VAL A 52 12.02 6.99 10.96
N ASP A 53 11.55 5.73 11.03
CA ASP A 53 11.07 4.98 9.87
C ASP A 53 12.22 4.57 8.93
N ASN A 54 13.42 4.39 9.50
CA ASN A 54 14.59 4.04 8.70
C ASN A 54 14.79 2.53 8.59
N LEU A 55 13.94 1.71 9.22
CA LEU A 55 14.07 0.26 9.09
C LEU A 55 13.01 -0.33 8.17
N ARG A 56 13.35 -1.48 7.58
CA ARG A 56 12.43 -2.31 6.83
CA ARG A 56 12.41 -2.31 6.85
C ARG A 56 12.65 -3.77 7.25
N GLY A 57 11.68 -4.63 6.96
CA GLY A 57 11.82 -6.06 7.23
C GLY A 57 10.71 -6.56 8.13
N LYS A 58 10.98 -7.71 8.77
CA LYS A 58 9.95 -8.43 9.53
C LYS A 58 10.63 -9.46 10.43
N SER A 59 9.88 -10.01 11.39
CA SER A 59 10.52 -10.81 12.43
C SER A 59 11.14 -12.08 11.87
N GLY A 60 10.54 -12.65 10.83
CA GLY A 60 10.97 -13.94 10.29
C GLY A 60 12.32 -13.87 9.58
N GLN A 61 12.65 -12.69 9.04
CA GLN A 61 13.80 -12.56 8.15
C GLN A 61 14.77 -11.47 8.60
N GLY A 62 14.37 -10.62 9.55
CA GLY A 62 15.25 -9.59 10.05
C GLY A 62 14.80 -8.19 9.66
N TYR A 63 15.19 -7.22 10.49
CA TYR A 63 15.02 -5.80 10.23
C TYR A 63 16.35 -5.20 9.82
N TYR A 64 16.33 -4.37 8.77
CA TYR A 64 17.58 -3.87 8.20
C TYR A 64 17.51 -2.36 7.99
N VAL A 65 18.70 -1.76 7.95
CA VAL A 65 18.88 -0.33 7.73
C VAL A 65 19.79 -0.17 6.50
N GLU A 66 19.59 0.93 5.76
CA GLU A 66 20.49 1.23 4.65
CA GLU A 66 20.47 1.27 4.65
C GLU A 66 21.78 1.83 5.19
N MET A 67 22.91 1.35 4.64
CA MET A 67 24.21 1.93 4.96
C MET A 67 24.99 2.14 3.66
N THR A 68 26.06 2.95 3.73
CA THR A 68 27.00 2.98 2.62
C THR A 68 28.40 2.63 3.11
N VAL A 69 29.15 2.00 2.22
CA VAL A 69 30.56 1.67 2.50
C VAL A 69 31.41 2.12 1.31
N GLY A 70 32.60 2.64 1.60
CA GLY A 70 33.58 2.92 0.56
C GLY A 70 33.43 4.30 -0.08
N SER A 71 34.38 4.60 -0.99
CA SER A 71 34.46 5.85 -1.73
C SER A 71 34.66 5.52 -3.21
N PRO A 72 33.71 5.90 -4.08
CA PRO A 72 32.42 6.50 -3.78
C PRO A 72 31.52 5.54 -3.00
N PRO A 73 30.48 6.04 -2.32
CA PRO A 73 29.66 5.19 -1.45
C PRO A 73 28.93 4.08 -2.21
N GLN A 74 29.04 2.86 -1.66
CA GLN A 74 28.29 1.69 -2.13
C GLN A 74 27.16 1.43 -1.14
N THR A 75 25.92 1.48 -1.65
CA THR A 75 24.75 1.28 -0.81
C THR A 75 24.47 -0.20 -0.59
N LEU A 76 24.21 -0.58 0.67
CA LEU A 76 23.84 -1.96 1.03
C LEU A 76 22.77 -1.90 2.12
N ASN A 77 21.93 -2.93 2.16
CA ASN A 77 20.96 -3.09 3.24
C ASN A 77 21.58 -3.98 4.29
N ILE A 78 21.48 -3.57 5.57
CA ILE A 78 22.27 -4.20 6.61
C ILE A 78 21.35 -4.64 7.76
N LEU A 79 21.35 -5.94 8.06
CA LEU A 79 20.59 -6.50 9.17
C LEU A 79 21.06 -5.90 10.50
N VAL A 80 20.10 -5.47 11.32
CA VAL A 80 20.39 -4.96 12.65
C VAL A 80 20.42 -6.13 13.63
N ASP A 81 21.59 -6.42 14.22
CA ASP A 81 21.75 -7.59 15.07
C ASP A 81 22.34 -7.21 16.43
N THR A 82 21.48 -7.07 17.46
CA THR A 82 21.99 -6.77 18.79
C THR A 82 22.60 -8.00 19.48
N GLY A 83 22.56 -9.18 18.84
CA GLY A 83 23.16 -10.40 19.40
C GLY A 83 24.55 -10.76 18.87
N SER A 84 25.18 -9.88 18.09
CA SER A 84 26.55 -10.11 17.63
C SER A 84 27.29 -8.78 17.51
N SER A 85 28.58 -8.79 17.16
CA SER A 85 29.38 -7.59 17.31
C SER A 85 30.28 -7.28 16.10
N ASN A 86 30.05 -7.96 14.98
CA ASN A 86 30.82 -7.71 13.76
C ASN A 86 29.97 -6.97 12.73
N PHE A 87 30.61 -6.05 12.02
CA PHE A 87 30.04 -5.46 10.82
C PHE A 87 30.58 -6.25 9.62
N ALA A 88 29.70 -6.93 8.91
CA ALA A 88 30.15 -7.81 7.84
C ALA A 88 29.20 -7.69 6.67
N VAL A 89 29.75 -7.66 5.46
CA VAL A 89 28.94 -7.44 4.27
C VAL A 89 29.30 -8.49 3.22
N GLY A 90 28.27 -8.97 2.49
CA GLY A 90 28.54 -9.74 1.28
C GLY A 90 29.55 -8.99 0.40
N ALA A 91 30.61 -9.71 -0.03
CA ALA A 91 31.67 -9.10 -0.82
C ALA A 91 32.03 -9.93 -2.04
N ALA A 92 31.15 -10.87 -2.38
CA ALA A 92 31.31 -11.75 -3.54
C ALA A 92 29.92 -12.22 -3.95
N PRO A 93 29.70 -12.57 -5.24
CA PRO A 93 28.39 -13.05 -5.71
C PRO A 93 27.84 -14.18 -4.85
N HIS A 94 26.53 -14.14 -4.60
CA HIS A 94 25.82 -15.20 -3.89
C HIS A 94 24.42 -15.27 -4.48
N PRO A 95 23.81 -16.48 -4.63
CA PRO A 95 22.46 -16.59 -5.20
C PRO A 95 21.41 -15.68 -4.57
N PHE A 96 21.59 -15.32 -3.29
CA PHE A 96 20.58 -14.55 -2.57
C PHE A 96 20.96 -13.07 -2.45
N LEU A 97 22.09 -12.66 -3.06
CA LEU A 97 22.50 -11.26 -2.98
C LEU A 97 22.30 -10.61 -4.35
N HIS A 98 21.65 -9.44 -4.38
CA HIS A 98 21.56 -8.74 -5.65
CA HIS A 98 21.48 -8.66 -5.59
C HIS A 98 22.63 -7.66 -5.73
N ARG A 99 23.33 -7.41 -4.61
CA ARG A 99 24.49 -6.55 -4.65
C ARG A 99 25.46 -6.93 -3.53
N TYR A 100 26.71 -6.46 -3.67
CA TYR A 100 27.75 -6.80 -2.71
C TYR A 100 28.83 -5.72 -2.76
N TYR A 101 29.63 -5.67 -1.68
CA TYR A 101 30.73 -4.72 -1.53
C TYR A 101 31.87 -5.12 -2.47
N GLN A 102 32.30 -4.15 -3.28
CA GLN A 102 33.39 -4.30 -4.24
C GLN A 102 34.58 -3.46 -3.76
N ARG A 103 35.49 -4.12 -3.03
CA ARG A 103 36.60 -3.43 -2.37
C ARG A 103 37.51 -2.72 -3.39
N GLN A 104 37.67 -3.32 -4.58
CA GLN A 104 38.55 -2.77 -5.60
C GLN A 104 38.02 -1.44 -6.17
N LEU A 105 36.73 -1.14 -5.94
CA LEU A 105 36.14 0.11 -6.42
C LEU A 105 36.12 1.20 -5.35
N SER A 106 36.67 0.90 -4.15
CA SER A 106 36.73 1.88 -3.08
C SER A 106 38.15 2.41 -2.90
N SER A 107 38.32 3.73 -3.06
CA SER A 107 39.64 4.37 -2.91
C SER A 107 40.09 4.38 -1.45
N THR A 108 39.15 4.19 -0.52
CA THR A 108 39.41 4.33 0.91
C THR A 108 39.52 2.98 1.59
N TYR A 109 39.38 1.89 0.81
CA TYR A 109 39.55 0.54 1.33
C TYR A 109 40.96 0.36 1.90
N ARG A 110 41.02 -0.27 3.10
CA ARG A 110 42.28 -0.70 3.66
C ARG A 110 42.20 -2.19 4.00
N ASP A 111 43.21 -2.95 3.57
CA ASP A 111 43.28 -4.38 3.79
C ASP A 111 43.96 -4.64 5.14
N LEU A 112 43.30 -5.39 6.05
CA LEU A 112 43.91 -5.76 7.31
C LEU A 112 44.70 -7.08 7.21
N ARG A 113 44.67 -7.73 6.03
CA ARG A 113 45.45 -8.93 5.72
CA ARG A 113 45.48 -8.91 5.74
C ARG A 113 45.21 -10.02 6.78
N LYS A 114 43.93 -10.25 7.10
CA LYS A 114 43.57 -11.22 8.11
C LYS A 114 42.18 -11.78 7.81
N GLY A 115 42.04 -13.09 7.94
CA GLY A 115 40.79 -13.80 7.76
C GLY A 115 39.93 -13.79 9.03
N VAL A 116 38.63 -14.05 8.84
CA VAL A 116 37.72 -14.20 9.95
C VAL A 116 36.73 -15.31 9.61
N TYR A 117 36.49 -16.21 10.57
CA TYR A 117 35.63 -17.37 10.39
C TYR A 117 34.57 -17.34 11.49
N VAL A 118 33.29 -17.33 11.10
CA VAL A 118 32.21 -17.14 12.07
C VAL A 118 31.20 -18.29 11.91
N PRO A 119 31.50 -19.49 12.46
CA PRO A 119 30.49 -20.54 12.52
C PRO A 119 29.52 -20.30 13.68
N TYR A 120 28.25 -20.66 13.48
CA TYR A 120 27.26 -20.64 14.55
C TYR A 120 26.33 -21.84 14.35
N THR A 121 25.30 -21.98 15.20
CA THR A 121 24.56 -23.23 15.25
C THR A 121 23.99 -23.61 13.89
N GLN A 122 23.28 -22.67 13.23
CA GLN A 122 22.54 -23.05 12.05
C GLN A 122 23.23 -22.59 10.76
N GLY A 123 24.51 -22.18 10.83
CA GLY A 123 25.12 -21.57 9.65
C GLY A 123 26.51 -21.02 9.89
N LYS A 124 27.07 -20.36 8.87
CA LYS A 124 28.40 -19.78 9.00
C LYS A 124 28.63 -18.73 7.93
N TRP A 125 29.55 -17.82 8.23
CA TRP A 125 30.15 -17.00 7.20
C TRP A 125 31.64 -16.87 7.46
N GLU A 126 32.39 -16.58 6.39
CA GLU A 126 33.81 -16.35 6.52
C GLU A 126 34.20 -15.24 5.56
N GLY A 127 35.28 -14.55 5.92
CA GLY A 127 35.67 -13.47 5.05
C GLY A 127 37.02 -12.87 5.44
N GLU A 128 37.23 -11.66 4.91
CA GLU A 128 38.53 -11.00 4.93
C GLU A 128 38.34 -9.65 5.59
N LEU A 129 39.17 -9.34 6.59
CA LEU A 129 39.01 -8.11 7.36
C LEU A 129 39.67 -6.94 6.62
N GLY A 130 39.05 -5.78 6.75
CA GLY A 130 39.58 -4.52 6.26
C GLY A 130 38.91 -3.37 6.99
N THR A 131 39.23 -2.14 6.59
CA THR A 131 38.47 -0.99 7.09
C THR A 131 38.06 -0.15 5.89
N ASP A 132 37.02 0.68 6.09
CA ASP A 132 36.62 1.63 5.06
C ASP A 132 35.74 2.70 5.71
N LEU A 133 35.40 3.72 4.92
CA LEU A 133 34.48 4.75 5.39
C LEU A 133 33.05 4.24 5.30
N VAL A 134 32.27 4.50 6.35
CA VAL A 134 30.91 3.97 6.47
C VAL A 134 29.99 5.10 6.90
N SER A 135 28.79 5.13 6.32
CA SER A 135 27.76 6.11 6.65
CA SER A 135 27.78 6.09 6.71
CA SER A 135 27.77 6.09 6.70
C SER A 135 26.42 5.40 6.79
N ILE A 136 25.48 6.05 7.50
CA ILE A 136 24.09 5.62 7.57
C ILE A 136 23.25 6.78 7.00
N PRO A 137 22.77 6.69 5.74
CA PRO A 137 22.03 7.78 5.10
C PRO A 137 20.88 8.35 5.92
N HIS A 138 20.08 7.46 6.52
CA HIS A 138 18.99 7.87 7.40
C HIS A 138 19.44 7.70 8.85
N GLY A 139 20.50 8.42 9.18
CA GLY A 139 21.23 8.18 10.40
C GLY A 139 21.78 9.51 10.90
N PRO A 140 22.86 9.49 11.72
CA PRO A 140 23.54 10.73 12.08
C PRO A 140 24.30 11.16 10.82
N ASN A 141 24.50 12.46 10.70
CA ASN A 141 25.12 13.01 9.51
C ASN A 141 26.62 12.97 9.74
N VAL A 142 27.15 11.75 9.87
CA VAL A 142 28.57 11.53 10.11
C VAL A 142 29.05 10.35 9.26
N THR A 143 30.35 10.34 8.98
CA THR A 143 31.00 9.22 8.31
C THR A 143 32.18 8.82 9.18
N VAL A 144 32.34 7.51 9.39
CA VAL A 144 33.40 7.01 10.24
C VAL A 144 34.21 5.96 9.49
N ARG A 145 35.44 5.73 9.99
CA ARG A 145 36.21 4.61 9.48
C ARG A 145 36.00 3.43 10.41
N ALA A 146 35.50 2.32 9.85
CA ALA A 146 35.11 1.17 10.66
C ALA A 146 35.71 -0.11 10.08
N ASN A 147 35.85 -1.11 10.96
CA ASN A 147 36.16 -2.46 10.55
C ASN A 147 35.01 -3.03 9.70
N ILE A 148 35.37 -3.75 8.63
CA ILE A 148 34.41 -4.43 7.78
C ILE A 148 34.95 -5.81 7.46
N ALA A 149 34.12 -6.83 7.73
CA ALA A 149 34.45 -8.18 7.29
C ALA A 149 33.80 -8.38 5.93
N ALA A 150 34.63 -8.58 4.90
CA ALA A 150 34.16 -8.79 3.55
C ALA A 150 33.85 -10.28 3.40
N ILE A 151 32.56 -10.64 3.38
CA ILE A 151 32.15 -12.04 3.36
C ILE A 151 32.40 -12.64 1.98
N THR A 152 33.23 -13.69 1.94
CA THR A 152 33.62 -14.33 0.70
C THR A 152 33.01 -15.72 0.53
N GLU A 153 32.60 -16.34 1.64
CA GLU A 153 31.97 -17.66 1.63
C GLU A 153 30.96 -17.68 2.77
N SER A 154 29.84 -18.40 2.57
CA SER A 154 28.84 -18.50 3.62
C SER A 154 27.98 -19.74 3.39
N ASP A 155 27.33 -20.19 4.47
CA ASP A 155 26.42 -21.32 4.41
C ASP A 155 25.23 -21.01 5.32
N LYS A 156 24.04 -20.94 4.71
CA LYS A 156 22.76 -20.74 5.39
C LYS A 156 22.79 -19.46 6.25
N PHE A 157 23.50 -18.43 5.76
CA PHE A 157 23.54 -17.15 6.46
C PHE A 157 22.57 -16.18 5.80
N PHE A 158 22.86 -15.84 4.53
CA PHE A 158 21.96 -15.01 3.76
C PHE A 158 20.62 -15.71 3.62
N ILE A 159 19.56 -14.89 3.60
CA ILE A 159 18.17 -15.36 3.52
C ILE A 159 17.56 -14.89 2.21
N ASN A 160 17.04 -15.86 1.44
CA ASN A 160 16.43 -15.60 0.15
C ASN A 160 15.24 -14.66 0.36
N GLY A 161 15.28 -13.51 -0.31
CA GLY A 161 14.19 -12.55 -0.33
C GLY A 161 14.16 -11.57 0.85
N SER A 162 15.17 -11.61 1.73
CA SER A 162 15.19 -10.79 2.93
C SER A 162 15.55 -9.33 2.65
N ASN A 163 16.22 -9.09 1.52
CA ASN A 163 16.60 -7.77 1.05
CA ASN A 163 16.64 -7.79 1.00
C ASN A 163 17.85 -7.23 1.75
N TRP A 164 18.46 -8.00 2.66
CA TRP A 164 19.68 -7.50 3.30
C TRP A 164 20.93 -8.23 2.78
N GLU A 165 22.06 -7.50 2.81
CA GLU A 165 23.29 -7.91 2.14
CA GLU A 165 23.29 -7.91 2.14
C GLU A 165 24.47 -7.93 3.12
N GLY A 166 24.20 -7.65 4.38
CA GLY A 166 25.24 -7.63 5.40
C GLY A 166 24.59 -7.52 6.77
N ILE A 167 25.43 -7.43 7.80
CA ILE A 167 25.01 -7.48 9.19
C ILE A 167 25.74 -6.43 10.01
N LEU A 168 24.98 -5.74 10.88
CA LEU A 168 25.53 -4.77 11.81
C LEU A 168 25.38 -5.34 13.21
N GLY A 169 26.47 -5.91 13.72
CA GLY A 169 26.49 -6.41 15.08
C GLY A 169 26.68 -5.26 16.06
N LEU A 170 25.67 -5.03 16.90
CA LEU A 170 25.65 -3.86 17.78
C LEU A 170 26.05 -4.20 19.23
N ALA A 171 26.36 -5.48 19.51
CA ALA A 171 26.81 -5.87 20.84
C ALA A 171 28.30 -5.51 21.02
N TYR A 172 28.88 -5.97 22.13
CA TYR A 172 30.16 -5.46 22.59
C TYR A 172 31.35 -6.27 22.08
N ALA A 173 32.54 -5.68 22.22
CA ALA A 173 33.77 -6.25 21.66
C ALA A 173 34.06 -7.66 22.15
N GLU A 174 33.64 -8.00 23.39
CA GLU A 174 33.95 -9.31 23.94
C GLU A 174 33.57 -10.43 22.99
N ILE A 175 32.48 -10.27 22.22
CA ILE A 175 31.99 -11.36 21.39
C ILE A 175 32.28 -11.11 19.90
N ALA A 176 33.12 -10.10 19.61
CA ALA A 176 33.58 -9.87 18.24
C ALA A 176 34.49 -11.03 17.79
N ARG A 177 34.43 -11.36 16.50
CA ARG A 177 35.35 -12.31 15.88
C ARG A 177 36.35 -11.56 15.00
N PRO A 178 37.63 -11.99 14.97
CA PRO A 178 38.13 -13.21 15.58
C PRO A 178 38.33 -13.10 17.08
N ASP A 179 38.41 -11.86 17.58
CA ASP A 179 38.63 -11.62 19.01
C ASP A 179 38.23 -10.18 19.34
N ASP A 180 38.39 -9.81 20.62
CA ASP A 180 37.90 -8.56 21.14
C ASP A 180 38.75 -7.36 20.70
N SER A 181 39.84 -7.61 19.95
CA SER A 181 40.63 -6.49 19.43
C SER A 181 40.01 -5.85 18.19
N LEU A 182 38.99 -6.50 17.60
CA LEU A 182 38.32 -5.94 16.44
C LEU A 182 37.17 -5.06 16.89
N GLU A 183 37.42 -3.75 16.89
CA GLU A 183 36.51 -2.76 17.44
C GLU A 183 35.17 -2.85 16.70
N PRO A 184 34.04 -3.05 17.39
CA PRO A 184 32.73 -3.03 16.71
C PRO A 184 32.39 -1.64 16.15
N PHE A 185 31.46 -1.65 15.19
CA PHE A 185 31.02 -0.42 14.53
C PHE A 185 30.60 0.65 15.53
N PHE A 186 29.72 0.30 16.48
CA PHE A 186 29.14 1.36 17.31
C PHE A 186 30.22 2.01 18.17
N ASP A 187 31.22 1.20 18.60
CA ASP A 187 32.34 1.71 19.36
C ASP A 187 33.11 2.74 18.53
N SER A 188 33.34 2.42 17.24
CA SER A 188 34.04 3.32 16.33
C SER A 188 33.27 4.62 16.16
N LEU A 189 31.95 4.48 15.96
CA LEU A 189 31.08 5.64 15.74
C LEU A 189 31.18 6.60 16.93
N VAL A 190 31.06 6.07 18.15
CA VAL A 190 31.12 6.88 19.35
C VAL A 190 32.49 7.52 19.54
N LYS A 191 33.57 6.77 19.29
CA LYS A 191 34.93 7.26 19.50
CA LYS A 191 34.93 7.26 19.50
C LYS A 191 35.26 8.38 18.51
N GLN A 192 34.75 8.27 17.28
CA GLN A 192 35.17 9.18 16.21
C GLN A 192 34.26 10.41 16.05
N THR A 193 33.09 10.42 16.71
CA THR A 193 32.10 11.47 16.52
C THR A 193 31.59 11.97 17.87
N HIS A 194 30.61 12.90 17.85
CA HIS A 194 29.94 13.34 19.07
C HIS A 194 28.62 12.59 19.30
N VAL A 195 28.40 11.50 18.58
CA VAL A 195 27.16 10.73 18.75
C VAL A 195 27.12 10.17 20.17
N PRO A 196 26.05 10.45 20.96
CA PRO A 196 25.93 9.85 22.30
C PRO A 196 25.95 8.32 22.24
N ASN A 197 26.46 7.71 23.33
CA ASN A 197 26.69 6.28 23.42
C ASN A 197 25.38 5.56 23.78
N LEU A 198 24.43 5.56 22.83
CA LEU A 198 23.08 5.06 23.07
C LEU A 198 22.44 4.86 21.71
N PHE A 199 21.64 3.79 21.56
CA PHE A 199 20.75 3.70 20.41
C PHE A 199 19.45 3.08 20.87
N SER A 200 18.41 3.21 20.05
CA SER A 200 17.10 2.69 20.44
C SER A 200 16.43 2.09 19.21
N LEU A 201 15.64 1.03 19.43
CA LEU A 201 15.05 0.26 18.35
C LEU A 201 13.54 0.15 18.56
N GLN A 202 12.80 0.52 17.52
CA GLN A 202 11.38 0.26 17.42
C GLN A 202 11.18 -0.68 16.22
N LEU A 203 10.98 -1.97 16.49
CA LEU A 203 10.74 -2.94 15.40
C LEU A 203 9.23 -3.09 15.26
N CYS A 204 8.71 -2.89 14.04
CA CYS A 204 7.27 -2.83 13.86
C CYS A 204 6.78 -4.05 13.07
N GLY A 205 6.18 -5.01 13.78
CA GLY A 205 5.51 -6.11 13.09
C GLY A 205 4.19 -5.62 12.50
N ALA A 206 3.84 -6.12 11.30
CA ALA A 206 2.61 -5.70 10.65
C ALA A 206 1.37 -6.34 11.29
N GLY A 207 1.51 -7.53 11.87
CA GLY A 207 0.35 -8.27 12.37
C GLY A 207 -0.33 -9.14 11.30
N PHE A 208 0.22 -9.11 10.09
CA PHE A 208 -0.24 -9.92 8.98
C PHE A 208 0.96 -10.18 8.07
N PRO A 209 0.90 -11.16 7.13
CA PRO A 209 2.06 -11.45 6.30
C PRO A 209 2.31 -10.36 5.25
N LEU A 210 3.60 -10.19 4.91
CA LEU A 210 4.08 -9.33 3.82
C LEU A 210 4.92 -10.18 2.86
N ASN A 211 4.75 -9.94 1.56
CA ASN A 211 5.65 -10.51 0.58
C ASN A 211 6.82 -9.55 0.38
N GLN A 212 7.82 -9.96 -0.41
CA GLN A 212 9.03 -9.17 -0.65
C GLN A 212 8.67 -7.76 -1.13
N SER A 213 7.65 -7.67 -2.01
CA SER A 213 7.16 -6.43 -2.59
C SER A 213 6.59 -5.51 -1.51
N GLU A 214 5.78 -6.10 -0.62
CA GLU A 214 5.16 -5.34 0.46
C GLU A 214 6.19 -4.94 1.51
N VAL A 215 7.19 -5.80 1.76
CA VAL A 215 8.28 -5.48 2.68
C VAL A 215 9.05 -4.28 2.14
N LEU A 216 9.32 -4.30 0.83
CA LEU A 216 10.10 -3.26 0.22
C LEU A 216 9.40 -1.91 0.34
N ALA A 217 8.07 -1.93 0.28
CA ALA A 217 7.30 -0.70 0.23
C ALA A 217 6.91 -0.21 1.63
N SER A 218 7.07 -1.06 2.65
CA SER A 218 6.56 -0.85 3.99
CA SER A 218 6.55 -0.78 3.97
C SER A 218 7.67 -0.36 4.92
N VAL A 219 7.31 0.54 5.84
CA VAL A 219 8.18 0.93 6.95
C VAL A 219 8.15 -0.19 7.99
N GLY A 220 9.33 -0.65 8.40
CA GLY A 220 9.42 -1.72 9.39
C GLY A 220 9.83 -1.24 10.78
N GLY A 221 10.10 0.06 10.95
CA GLY A 221 10.43 0.57 12.27
C GLY A 221 11.55 1.61 12.23
N SER A 222 12.17 1.83 13.40
CA SER A 222 13.16 2.91 13.57
C SER A 222 14.34 2.42 14.37
N MET A 223 15.54 2.81 13.93
CA MET A 223 16.74 2.74 14.75
C MET A 223 17.22 4.17 14.96
N ILE A 224 17.08 4.65 16.19
CA ILE A 224 17.51 5.99 16.54
C ILE A 224 18.91 5.90 17.11
N ILE A 225 19.88 6.42 16.35
CA ILE A 225 21.27 6.37 16.74
CA ILE A 225 21.28 6.39 16.72
C ILE A 225 21.59 7.64 17.52
N GLY A 226 21.95 7.45 18.81
CA GLY A 226 22.37 8.54 19.67
C GLY A 226 21.24 9.19 20.47
N GLY A 227 20.03 8.62 20.46
CA GLY A 227 18.95 9.25 21.20
C GLY A 227 17.71 8.37 21.35
N ILE A 228 16.71 8.98 22.00
CA ILE A 228 15.40 8.41 22.31
C ILE A 228 14.37 9.33 21.67
N ASP A 229 13.51 8.76 20.81
CA ASP A 229 12.48 9.56 20.17
C ASP A 229 11.15 9.28 20.85
N HIS A 230 10.57 10.35 21.42
CA HIS A 230 9.40 10.20 22.27
C HIS A 230 8.14 9.83 21.49
N SER A 231 8.14 9.98 20.16
CA SER A 231 6.97 9.65 19.35
C SER A 231 6.78 8.12 19.21
N LEU A 232 7.83 7.36 19.55
CA LEU A 232 7.85 5.93 19.19
C LEU A 232 7.27 5.04 20.30
N TYR A 233 6.91 5.63 21.44
CA TYR A 233 6.40 4.85 22.57
C TYR A 233 5.27 5.58 23.27
N THR A 234 4.54 4.84 24.11
CA THR A 234 3.56 5.42 25.02
C THR A 234 3.93 5.03 26.45
N GLY A 235 3.39 5.79 27.42
CA GLY A 235 3.68 5.53 28.82
C GLY A 235 5.13 5.77 29.17
N SER A 236 5.61 5.11 30.24
CA SER A 236 6.94 5.36 30.79
C SER A 236 7.95 4.36 30.25
N LEU A 237 9.22 4.79 30.18
CA LEU A 237 10.36 3.89 30.02
C LEU A 237 10.78 3.37 31.39
N TRP A 238 10.98 2.04 31.47
CA TRP A 238 11.51 1.36 32.65
C TRP A 238 12.82 0.69 32.26
N TYR A 239 13.84 0.81 33.14
CA TYR A 239 15.18 0.36 32.81
C TYR A 239 15.59 -0.84 33.66
N THR A 240 16.26 -1.80 32.99
CA THR A 240 16.87 -2.95 33.64
C THR A 240 18.39 -2.84 33.45
N PRO A 241 19.24 -3.23 34.42
CA PRO A 241 20.68 -3.17 34.19
C PRO A 241 21.16 -4.09 33.09
N ILE A 242 22.17 -3.62 32.35
CA ILE A 242 22.98 -4.54 31.56
C ILE A 242 23.92 -5.24 32.56
N ARG A 243 23.78 -6.56 32.66
CA ARG A 243 24.45 -7.30 33.72
C ARG A 243 25.96 -7.30 33.47
N ARG A 244 26.32 -7.50 32.19
CA ARG A 244 27.69 -7.50 31.74
C ARG A 244 27.70 -7.10 30.26
N GLU A 245 28.73 -6.37 29.84
CA GLU A 245 28.83 -5.85 28.48
C GLU A 245 29.50 -6.89 27.58
N TRP A 246 28.69 -7.81 27.05
CA TRP A 246 29.17 -8.75 26.05
C TRP A 246 28.06 -8.88 25.01
N TYR A 247 27.11 -9.81 25.23
CA TYR A 247 25.74 -9.62 24.77
C TYR A 247 25.08 -8.48 25.54
N TYR A 248 23.88 -8.08 25.11
CA TYR A 248 23.04 -7.23 25.95
C TYR A 248 22.33 -8.12 26.96
N GLU A 249 23.06 -8.45 28.06
CA GLU A 249 22.60 -9.44 29.02
C GLU A 249 21.75 -8.78 30.10
N VAL A 250 20.60 -9.38 30.42
CA VAL A 250 19.69 -8.87 31.44
C VAL A 250 19.34 -10.00 32.41
N ILE A 251 18.60 -9.66 33.49
CA ILE A 251 18.14 -10.66 34.44
CA ILE A 251 18.15 -10.62 34.50
C ILE A 251 16.62 -10.61 34.57
N ILE A 252 16.00 -11.77 34.26
CA ILE A 252 14.57 -11.99 34.47
C ILE A 252 14.35 -12.57 35.87
N VAL A 253 13.39 -12.01 36.63
CA VAL A 253 13.24 -12.38 38.04
C VAL A 253 11.93 -13.12 38.31
N ARG A 254 10.98 -13.08 37.37
CA ARG A 254 9.66 -13.72 37.54
C ARG A 254 9.01 -13.82 36.16
N VAL A 255 8.24 -14.90 35.96
CA VAL A 255 7.50 -15.09 34.72
C VAL A 255 6.05 -15.44 35.10
N GLU A 256 5.09 -14.78 34.42
CA GLU A 256 3.67 -15.10 34.59
C GLU A 256 3.06 -15.40 33.23
N ILE A 257 2.10 -16.33 33.22
CA ILE A 257 1.22 -16.60 32.09
C ILE A 257 -0.19 -16.22 32.53
N ASN A 258 -0.78 -15.15 31.95
CA ASN A 258 -2.10 -14.68 32.39
C ASN A 258 -2.12 -14.49 33.92
N GLY A 259 -1.07 -13.88 34.46
CA GLY A 259 -1.06 -13.54 35.87
C GLY A 259 -0.62 -14.71 36.77
N GLN A 260 -0.55 -15.92 36.23
CA GLN A 260 -0.20 -17.09 37.04
C GLN A 260 1.33 -17.27 37.00
N ASP A 261 1.93 -17.23 38.18
CA ASP A 261 3.37 -17.36 38.34
C ASP A 261 3.80 -18.74 37.83
N LEU A 262 4.79 -18.75 36.94
CA LEU A 262 5.37 -20.02 36.48
C LEU A 262 6.10 -20.74 37.62
N LYS A 263 6.55 -19.98 38.63
CA LYS A 263 6.96 -20.48 39.94
C LYS A 263 8.21 -21.35 39.86
N MET A 264 9.11 -21.04 38.91
CA MET A 264 10.42 -21.67 38.86
C MET A 264 11.43 -20.83 39.64
N ASP A 265 12.49 -21.48 40.16
CA ASP A 265 13.62 -20.75 40.71
C ASP A 265 14.09 -19.79 39.62
N CYS A 266 14.28 -18.51 39.97
CA CYS A 266 14.51 -17.50 38.93
C CYS A 266 15.82 -17.73 38.19
N LYS A 267 16.78 -18.47 38.76
CA LYS A 267 18.00 -18.81 38.05
CA LYS A 267 18.00 -18.79 38.04
C LYS A 267 17.68 -19.56 36.76
N GLU A 268 16.59 -20.34 36.78
CA GLU A 268 16.21 -21.12 35.61
C GLU A 268 15.93 -20.21 34.43
N TYR A 269 15.36 -19.03 34.71
CA TYR A 269 14.96 -18.11 33.64
C TYR A 269 16.18 -17.51 32.93
N ASN A 270 17.35 -17.55 33.59
CA ASN A 270 18.55 -16.92 33.07
C ASN A 270 19.67 -17.95 32.89
N TYR A 271 19.29 -19.20 32.65
CA TYR A 271 20.26 -20.28 32.53
C TYR A 271 20.54 -20.53 31.04
N ASP A 272 21.75 -20.20 30.53
CA ASP A 272 22.92 -19.71 31.25
C ASP A 272 23.11 -18.21 31.10
N LYS A 273 22.19 -17.55 30.36
CA LYS A 273 22.15 -16.10 30.25
C LYS A 273 20.78 -15.73 29.72
N SER A 274 20.43 -14.45 29.83
CA SER A 274 19.27 -13.88 29.12
C SER A 274 19.74 -12.67 28.35
N ILE A 275 19.40 -12.60 27.05
CA ILE A 275 19.88 -11.51 26.21
C ILE A 275 18.73 -10.92 25.40
N VAL A 276 18.95 -9.68 24.94
CA VAL A 276 18.04 -9.00 24.01
C VAL A 276 18.68 -9.03 22.62
N ASP A 277 18.00 -9.71 21.68
CA ASP A 277 18.63 -10.09 20.42
C ASP A 277 17.71 -9.87 19.22
N SER A 278 17.92 -8.75 18.50
CA SER A 278 17.13 -8.47 17.29
C SER A 278 17.47 -9.41 16.14
N GLY A 279 18.55 -10.21 16.27
CA GLY A 279 18.92 -11.15 15.21
C GLY A 279 18.42 -12.57 15.45
N THR A 280 17.45 -12.72 16.37
CA THR A 280 16.72 -13.96 16.57
C THR A 280 15.23 -13.64 16.39
N THR A 281 14.51 -14.51 15.67
CA THR A 281 13.09 -14.29 15.44
C THR A 281 12.28 -14.46 16.74
N ASN A 282 12.45 -15.60 17.41
CA ASN A 282 11.55 -16.04 18.46
C ASN A 282 11.91 -15.48 19.85
N LEU A 283 10.95 -15.58 20.78
CA LEU A 283 11.30 -15.65 22.20
C LEU A 283 11.80 -17.07 22.44
N ARG A 284 13.08 -17.19 22.79
CA ARG A 284 13.64 -18.51 23.08
C ARG A 284 13.82 -18.64 24.58
N LEU A 285 13.42 -19.80 25.12
CA LEU A 285 13.48 -20.02 26.56
C LEU A 285 14.32 -21.26 26.85
N PRO A 286 15.08 -21.29 27.98
CA PRO A 286 15.83 -22.49 28.36
C PRO A 286 14.87 -23.68 28.40
N LYS A 287 15.37 -24.87 28.03
CA LYS A 287 14.55 -26.08 27.90
C LYS A 287 13.51 -26.24 29.01
N LYS A 288 13.91 -26.18 30.29
CA LYS A 288 12.97 -26.51 31.36
C LYS A 288 11.91 -25.41 31.47
N VAL A 289 12.32 -24.17 31.21
CA VAL A 289 11.40 -23.04 31.23
C VAL A 289 10.42 -23.13 30.06
N PHE A 290 10.94 -23.50 28.89
CA PHE A 290 10.08 -23.72 27.74
C PHE A 290 9.02 -24.78 28.04
N GLU A 291 9.43 -25.90 28.64
CA GLU A 291 8.50 -26.98 28.92
C GLU A 291 7.39 -26.49 29.87
N ALA A 292 7.78 -25.73 30.90
CA ALA A 292 6.80 -25.24 31.88
C ALA A 292 5.88 -24.19 31.27
N ALA A 293 6.47 -23.27 30.48
CA ALA A 293 5.69 -22.21 29.86
C ALA A 293 4.69 -22.79 28.86
N VAL A 294 5.14 -23.73 28.01
CA VAL A 294 4.24 -24.31 27.01
CA VAL A 294 4.23 -24.26 27.00
C VAL A 294 3.10 -25.06 27.68
N LYS A 295 3.41 -25.78 28.78
CA LYS A 295 2.34 -26.45 29.53
C LYS A 295 1.28 -25.44 29.97
N SER A 296 1.75 -24.30 30.51
CA SER A 296 0.85 -23.28 31.02
C SER A 296 0.08 -22.60 29.88
N ILE A 297 0.74 -22.34 28.74
CA ILE A 297 0.07 -21.70 27.62
C ILE A 297 -0.98 -22.64 27.00
N LYS A 298 -0.65 -23.93 26.91
CA LYS A 298 -1.64 -24.92 26.47
C LYS A 298 -2.86 -24.92 27.39
N ALA A 299 -2.61 -24.90 28.71
CA ALA A 299 -3.72 -24.94 29.67
C ALA A 299 -4.61 -23.70 29.52
N ALA A 300 -4.00 -22.53 29.32
CA ALA A 300 -4.77 -21.29 29.21
C ALA A 300 -5.62 -21.27 27.94
N SER A 301 -5.08 -21.87 26.86
CA SER A 301 -5.69 -21.88 25.53
C SER A 301 -6.49 -23.16 25.27
N SER A 302 -6.80 -23.93 26.33
CA SER A 302 -7.25 -25.31 26.17
C SER A 302 -8.62 -25.46 25.50
N THR A 303 -9.38 -24.36 25.32
CA THR A 303 -10.66 -24.47 24.64
CA THR A 303 -10.65 -24.42 24.62
C THR A 303 -10.48 -24.81 23.15
N GLU A 304 -9.24 -24.69 22.63
CA GLU A 304 -8.92 -25.18 21.30
C GLU A 304 -7.67 -26.06 21.44
N LYS A 305 -7.70 -27.20 20.74
CA LYS A 305 -6.56 -28.12 20.70
C LYS A 305 -5.73 -27.84 19.47
N PHE A 306 -4.41 -27.68 19.68
CA PHE A 306 -3.46 -27.46 18.59
C PHE A 306 -2.51 -28.64 18.52
N PRO A 307 -2.06 -29.01 17.29
CA PRO A 307 -1.19 -30.16 17.10
C PRO A 307 0.20 -29.90 17.68
N ASP A 308 0.89 -30.99 18.01
CA ASP A 308 2.23 -30.90 18.58
C ASP A 308 3.15 -30.04 17.70
N GLY A 309 3.05 -30.19 16.37
CA GLY A 309 3.89 -29.43 15.44
C GLY A 309 3.72 -27.93 15.57
N PHE A 310 2.52 -27.48 15.96
CA PHE A 310 2.31 -26.06 16.23
C PHE A 310 3.15 -25.62 17.44
N TRP A 311 3.04 -26.35 18.55
CA TRP A 311 3.76 -25.96 19.77
C TRP A 311 5.27 -26.07 19.60
N LEU A 312 5.72 -26.90 18.64
CA LEU A 312 7.14 -27.05 18.33
C LEU A 312 7.64 -25.95 17.38
N GLY A 313 6.74 -25.05 16.97
CA GLY A 313 7.09 -23.88 16.18
C GLY A 313 7.33 -24.22 14.71
N GLU A 314 6.92 -25.44 14.32
CA GLU A 314 7.18 -25.98 12.99
C GLU A 314 6.01 -25.74 12.04
N GLN A 315 4.79 -25.89 12.57
CA GLN A 315 3.58 -25.97 11.76
C GLN A 315 2.74 -24.71 11.95
N LEU A 316 2.20 -24.18 10.85
CA LEU A 316 1.27 -23.06 10.97
C LEU A 316 -0.11 -23.54 11.40
N VAL A 317 -0.87 -22.61 11.99
CA VAL A 317 -2.30 -22.83 12.16
CA VAL A 317 -2.28 -22.75 12.29
C VAL A 317 -3.02 -21.63 11.57
N CYS A 318 -4.23 -21.91 11.07
CA CYS A 318 -4.99 -20.91 10.33
C CYS A 318 -6.41 -20.82 10.85
N TRP A 319 -6.97 -19.61 10.76
CA TRP A 319 -8.37 -19.35 11.05
C TRP A 319 -9.01 -18.60 9.89
N GLN A 320 -10.34 -18.71 9.76
CA GLN A 320 -11.04 -17.91 8.77
C GLN A 320 -10.71 -16.42 8.98
N ALA A 321 -10.61 -15.67 7.86
CA ALA A 321 -10.27 -14.26 7.86
C ALA A 321 -10.94 -13.51 9.01
N GLY A 322 -10.13 -12.85 9.85
CA GLY A 322 -10.62 -11.96 10.88
C GLY A 322 -11.01 -12.68 12.18
N THR A 323 -10.98 -14.01 12.21
CA THR A 323 -11.55 -14.76 13.33
C THR A 323 -10.50 -15.33 14.30
N THR A 324 -9.23 -14.92 14.16
CA THR A 324 -8.19 -15.39 15.08
C THR A 324 -8.67 -15.19 16.53
N PRO A 325 -8.70 -16.24 17.38
CA PRO A 325 -9.27 -16.14 18.73
C PRO A 325 -8.23 -15.65 19.73
N TRP A 326 -7.80 -14.39 19.53
CA TRP A 326 -6.76 -13.84 20.38
C TRP A 326 -7.06 -14.07 21.87
N ASN A 327 -8.34 -13.89 22.24
CA ASN A 327 -8.74 -13.90 23.64
C ASN A 327 -8.52 -15.26 24.33
N ILE A 328 -8.42 -16.37 23.57
CA ILE A 328 -8.19 -17.66 24.22
C ILE A 328 -6.73 -17.85 24.60
N PHE A 329 -5.82 -17.08 23.98
CA PHE A 329 -4.40 -17.17 24.31
C PHE A 329 -4.05 -16.20 25.43
N PRO A 330 -3.14 -16.61 26.34
CA PRO A 330 -2.77 -15.77 27.48
C PRO A 330 -1.75 -14.70 27.13
N VAL A 331 -1.73 -13.66 27.99
CA VAL A 331 -0.61 -12.72 27.99
C VAL A 331 0.57 -13.37 28.70
N ILE A 332 1.79 -12.91 28.37
CA ILE A 332 3.00 -13.39 29.03
C ILE A 332 3.71 -12.17 29.61
N SER A 333 4.04 -12.24 30.91
CA SER A 333 4.77 -11.17 31.55
C SER A 333 6.15 -11.66 31.96
N LEU A 334 7.17 -10.88 31.60
CA LEU A 334 8.53 -11.10 32.09
C LEU A 334 8.86 -9.96 33.04
N TYR A 335 9.23 -10.30 34.28
CA TYR A 335 9.67 -9.29 35.23
C TYR A 335 11.18 -9.19 35.13
N LEU A 336 11.67 -7.95 35.03
CA LEU A 336 13.10 -7.69 34.87
C LEU A 336 13.59 -6.95 36.10
N MET A 337 14.86 -7.19 36.46
CA MET A 337 15.48 -6.46 37.56
C MET A 337 15.42 -4.95 37.28
N GLY A 338 15.04 -4.18 38.30
CA GLY A 338 15.01 -2.72 38.17
C GLY A 338 16.36 -2.09 38.50
N GLU A 339 16.44 -0.77 38.37
CA GLU A 339 17.65 -0.04 38.73
C GLU A 339 17.72 0.25 40.23
N VAL A 340 16.57 0.26 40.91
CA VAL A 340 16.50 0.56 42.33
C VAL A 340 16.58 -0.76 43.08
N THR A 341 17.32 -0.78 44.20
CA THR A 341 17.47 -1.95 45.05
CA THR A 341 17.47 -1.99 44.99
C THR A 341 16.10 -2.54 45.36
N ASN A 342 15.94 -3.85 45.18
CA ASN A 342 14.73 -4.59 45.52
C ASN A 342 13.50 -4.19 44.70
N GLN A 343 13.69 -3.61 43.52
CA GLN A 343 12.59 -3.18 42.66
CA GLN A 343 12.60 -3.16 42.66
C GLN A 343 12.70 -3.91 41.33
N SER A 344 11.55 -4.41 40.85
CA SER A 344 11.46 -4.94 39.49
C SER A 344 10.34 -4.23 38.74
N PHE A 345 10.26 -4.49 37.43
CA PHE A 345 9.13 -4.05 36.63
C PHE A 345 8.78 -5.21 35.71
N ARG A 346 7.65 -5.13 35.01
CA ARG A 346 7.27 -6.21 34.11
C ARG A 346 6.99 -5.65 32.71
N ILE A 347 7.30 -6.46 31.71
CA ILE A 347 6.85 -6.24 30.34
C ILE A 347 5.85 -7.36 30.03
N THR A 348 4.73 -6.99 29.39
CA THR A 348 3.68 -7.96 29.10
C THR A 348 3.44 -7.98 27.60
N ILE A 349 3.49 -9.19 27.01
CA ILE A 349 3.21 -9.31 25.58
C ILE A 349 1.93 -10.10 25.37
N LEU A 350 1.38 -9.88 24.18
CA LEU A 350 0.12 -10.48 23.78
C LEU A 350 0.40 -11.63 22.82
N PRO A 351 -0.61 -12.50 22.55
CA PRO A 351 -0.46 -13.43 21.43
C PRO A 351 -0.22 -12.72 20.09
N GLN A 352 -0.63 -11.45 19.95
CA GLN A 352 -0.32 -10.71 18.72
C GLN A 352 1.20 -10.54 18.54
N GLN A 353 1.97 -10.66 19.63
CA GLN A 353 3.43 -10.70 19.54
C GLN A 353 3.93 -12.13 19.34
N TYR A 354 3.48 -13.10 20.16
CA TYR A 354 4.15 -14.39 20.11
C TYR A 354 3.58 -15.36 19.07
N LEU A 355 2.49 -14.99 18.39
CA LEU A 355 2.05 -15.70 17.21
C LEU A 355 2.50 -14.90 15.99
N ARG A 356 3.39 -15.51 15.18
CA ARG A 356 4.04 -14.79 14.10
C ARG A 356 3.21 -14.98 12.83
N PRO A 357 2.71 -13.91 12.16
CA PRO A 357 1.93 -14.09 10.92
C PRO A 357 2.78 -14.72 9.83
N VAL A 358 2.17 -15.72 9.16
CA VAL A 358 2.78 -16.40 8.02
C VAL A 358 1.72 -16.57 6.92
N GLU A 359 2.20 -16.68 5.68
CA GLU A 359 1.33 -17.01 4.55
C GLU A 359 0.91 -18.47 4.62
N ASP A 360 -0.34 -18.74 4.21
CA ASP A 360 -0.87 -20.09 4.12
C ASP A 360 -0.04 -20.92 3.15
N VAL A 361 0.07 -22.23 3.47
CA VAL A 361 0.72 -23.23 2.64
C VAL A 361 -0.03 -23.35 1.32
N ALA A 362 -1.31 -23.00 1.34
CA ALA A 362 -2.20 -23.00 0.19
C ALA A 362 -2.62 -21.56 -0.14
N THR A 363 -3.45 -21.42 -1.18
CA THR A 363 -4.06 -20.14 -1.56
C THR A 363 -5.37 -19.99 -0.81
N SER A 364 -5.40 -19.01 0.12
CA SER A 364 -6.55 -18.77 0.99
C SER A 364 -6.55 -17.33 1.49
N GLN A 365 -7.69 -16.92 2.07
CA GLN A 365 -7.82 -15.65 2.77
C GLN A 365 -7.76 -15.86 4.28
N ASP A 366 -7.31 -17.05 4.69
CA ASP A 366 -7.20 -17.33 6.12
C ASP A 366 -6.10 -16.48 6.75
N ASP A 367 -6.24 -16.27 8.06
CA ASP A 367 -5.19 -15.64 8.85
C ASP A 367 -4.43 -16.76 9.56
N CYS A 368 -3.12 -16.86 9.26
CA CYS A 368 -2.31 -17.98 9.70
C CYS A 368 -1.09 -17.50 10.47
N TYR A 369 -0.61 -18.36 11.38
CA TYR A 369 0.48 -17.97 12.27
C TYR A 369 1.31 -19.19 12.67
N LYS A 370 2.56 -18.92 13.07
CA LYS A 370 3.36 -19.91 13.76
C LYS A 370 3.58 -19.45 15.19
N PHE A 371 3.72 -20.42 16.09
CA PHE A 371 4.07 -20.17 17.47
C PHE A 371 5.55 -19.78 17.56
N ALA A 372 5.82 -18.54 18.00
CA ALA A 372 7.16 -17.97 17.94
C ALA A 372 7.80 -17.94 19.34
N ILE A 373 7.53 -18.99 20.12
CA ILE A 373 8.27 -19.28 21.33
C ILE A 373 8.89 -20.66 21.16
N SER A 374 10.18 -20.78 21.46
CA SER A 374 10.87 -22.03 21.19
C SER A 374 11.97 -22.28 22.23
N GLN A 375 12.48 -23.53 22.24
CA GLN A 375 13.42 -24.00 23.24
CA GLN A 375 13.41 -23.91 23.29
C GLN A 375 14.82 -23.48 22.91
N SER A 376 15.66 -23.33 23.94
CA SER A 376 17.04 -22.91 23.80
C SER A 376 17.91 -23.75 24.75
N SER A 377 19.17 -24.00 24.33
CA SER A 377 20.17 -24.57 25.21
C SER A 377 21.24 -23.52 25.55
N THR A 378 21.03 -22.27 25.13
CA THR A 378 22.00 -21.18 25.30
C THR A 378 21.36 -19.98 26.00
N GLY A 379 20.31 -20.24 26.79
CA GLY A 379 19.71 -19.21 27.61
C GLY A 379 18.45 -18.59 26.98
N THR A 380 17.87 -17.62 27.68
CA THR A 380 16.73 -16.89 27.16
C THR A 380 17.19 -15.93 26.07
N VAL A 381 16.42 -15.87 24.98
CA VAL A 381 16.68 -14.91 23.91
C VAL A 381 15.39 -14.11 23.69
N MET A 382 15.45 -12.82 24.02
CA MET A 382 14.33 -11.95 23.74
C MET A 382 14.48 -11.45 22.31
N GLY A 383 13.89 -12.20 21.37
CA GLY A 383 14.07 -11.97 19.95
C GLY A 383 13.10 -10.93 19.39
N ALA A 384 13.06 -10.86 18.05
CA ALA A 384 12.29 -9.84 17.36
C ALA A 384 10.81 -9.84 17.74
N VAL A 385 10.18 -11.02 17.90
CA VAL A 385 8.74 -11.04 18.17
C VAL A 385 8.42 -10.39 19.52
N ILE A 386 9.34 -10.49 20.50
CA ILE A 386 9.10 -9.77 21.74
C ILE A 386 9.49 -8.28 21.62
N MET A 387 10.59 -7.98 20.91
CA MET A 387 10.97 -6.58 20.69
C MET A 387 9.88 -5.79 19.95
N GLU A 388 9.08 -6.47 19.11
CA GLU A 388 8.00 -5.82 18.36
C GLU A 388 6.97 -5.18 19.29
N GLY A 389 6.90 -5.66 20.54
CA GLY A 389 5.95 -5.10 21.49
C GLY A 389 6.39 -3.75 22.06
N PHE A 390 7.69 -3.45 21.97
CA PHE A 390 8.29 -2.44 22.82
C PHE A 390 9.22 -1.53 22.03
N TYR A 391 9.35 -0.31 22.53
CA TYR A 391 10.49 0.52 22.15
C TYR A 391 11.61 0.19 23.13
N VAL A 392 12.78 -0.18 22.59
CA VAL A 392 13.86 -0.72 23.40
C VAL A 392 15.06 0.22 23.30
N VAL A 393 15.48 0.74 24.46
CA VAL A 393 16.55 1.72 24.52
C VAL A 393 17.82 1.02 25.01
N PHE A 394 18.84 0.97 24.14
CA PHE A 394 20.11 0.36 24.50
C PHE A 394 21.02 1.48 25.00
N ASP A 395 20.89 1.77 26.31
CA ASP A 395 21.60 2.87 26.93
C ASP A 395 22.97 2.37 27.40
N ARG A 396 23.93 2.37 26.46
CA ARG A 396 25.25 1.85 26.72
C ARG A 396 25.97 2.74 27.75
N ALA A 397 25.76 4.06 27.63
CA ALA A 397 26.39 5.05 28.50
C ALA A 397 26.10 4.76 29.97
N ARG A 398 24.86 4.35 30.28
CA ARG A 398 24.40 4.11 31.65
C ARG A 398 24.23 2.61 31.94
N LYS A 399 24.75 1.75 31.06
CA LYS A 399 24.76 0.30 31.25
C LYS A 399 23.35 -0.20 31.61
N ARG A 400 22.36 0.15 30.78
CA ARG A 400 20.98 -0.22 31.09
C ARG A 400 20.18 -0.34 29.79
N ILE A 401 19.10 -1.13 29.86
CA ILE A 401 18.18 -1.27 28.73
CA ILE A 401 18.17 -1.34 28.73
C ILE A 401 16.81 -0.81 29.17
N GLY A 402 16.23 0.10 28.39
CA GLY A 402 14.90 0.63 28.67
C GLY A 402 13.83 -0.03 27.80
N PHE A 403 12.66 -0.23 28.41
CA PHE A 403 11.51 -0.75 27.70
C PHE A 403 10.33 0.20 27.89
N ALA A 404 9.61 0.46 26.80
CA ALA A 404 8.32 1.13 26.88
C ALA A 404 7.39 0.48 25.85
N VAL A 405 6.08 0.60 26.05
CA VAL A 405 5.11 0.10 25.08
C VAL A 405 5.34 0.78 23.72
N SER A 406 5.46 -0.04 22.65
CA SER A 406 5.71 0.52 21.34
C SER A 406 4.44 1.16 20.77
N ALA A 407 4.62 2.34 20.14
CA ALA A 407 3.55 2.98 19.38
C ALA A 407 3.12 2.15 18.16
N CYS A 408 3.89 1.11 17.77
CA CYS A 408 3.50 0.30 16.63
C CYS A 408 3.25 -1.16 17.02
N HIS A 409 2.99 -1.45 18.31
CA HIS A 409 2.69 -2.84 18.65
C HIS A 409 1.27 -3.21 18.19
N VAL A 410 1.13 -4.48 17.79
CA VAL A 410 -0.16 -4.99 17.33
C VAL A 410 -0.96 -5.44 18.56
N HIS A 411 -2.25 -5.07 18.60
CA HIS A 411 -3.09 -5.44 19.73
C HIS A 411 -4.54 -5.52 19.25
N ASP A 412 -5.47 -5.65 20.20
CA ASP A 412 -6.89 -5.64 19.88
C ASP A 412 -7.60 -4.62 20.76
N GLU A 413 -8.95 -4.57 20.68
CA GLU A 413 -9.72 -3.56 21.40
CA GLU A 413 -9.71 -3.56 21.40
C GLU A 413 -9.73 -3.84 22.91
N PHE A 414 -9.33 -5.05 23.33
CA PHE A 414 -9.52 -5.47 24.71
C PHE A 414 -8.23 -5.48 25.53
N ARG A 415 -7.07 -5.66 24.88
CA ARG A 415 -5.80 -5.82 25.56
C ARG A 415 -4.71 -5.10 24.77
N THR A 416 -3.71 -4.59 25.50
CA THR A 416 -2.50 -4.05 24.88
CA THR A 416 -2.52 -3.96 24.96
C THR A 416 -1.28 -4.61 25.59
N ALA A 417 -0.13 -4.50 24.92
CA ALA A 417 1.13 -4.74 25.63
C ALA A 417 1.28 -3.72 26.77
N ALA A 418 2.15 -4.03 27.74
CA ALA A 418 2.31 -3.18 28.90
C ALA A 418 3.76 -3.20 29.39
N VAL A 419 4.15 -2.08 30.02
CA VAL A 419 5.37 -2.00 30.80
C VAL A 419 4.96 -1.31 32.10
N GLU A 420 5.08 -2.04 33.22
CA GLU A 420 4.47 -1.60 34.48
C GLU A 420 5.42 -1.84 35.63
N GLY A 421 5.33 -0.95 36.63
CA GLY A 421 6.10 -1.16 37.85
C GLY A 421 5.77 -0.04 38.85
N PRO A 422 6.44 -0.06 40.01
CA PRO A 422 7.41 -1.04 40.43
C PRO A 422 6.79 -2.18 41.25
N PHE A 423 7.56 -3.26 41.40
CA PHE A 423 7.24 -4.36 42.29
C PHE A 423 8.39 -4.56 43.26
N VAL A 424 8.04 -4.87 44.52
CA VAL A 424 9.05 -5.28 45.46
C VAL A 424 9.48 -6.71 45.16
N THR A 425 10.77 -6.88 44.83
CA THR A 425 11.32 -8.19 44.54
C THR A 425 12.66 -8.34 45.23
N LEU A 426 12.81 -9.41 46.02
CA LEU A 426 14.01 -9.62 46.82
C LEU A 426 14.97 -10.56 46.12
N ASP A 427 16.26 -10.44 46.50
CA ASP A 427 17.33 -11.38 46.15
C ASP A 427 17.48 -11.52 44.63
N MET A 428 17.37 -10.41 43.89
CA MET A 428 17.30 -10.49 42.44
C MET A 428 18.66 -10.87 41.83
N GLU A 429 19.75 -10.49 42.53
CA GLU A 429 21.10 -10.79 42.06
C GLU A 429 21.26 -12.31 41.92
N ASP A 430 20.56 -13.06 42.79
CA ASP A 430 20.63 -14.51 42.87
C ASP A 430 19.99 -15.16 41.64
N CYS A 431 19.24 -14.37 40.87
CA CYS A 431 18.59 -14.87 39.66
C CYS A 431 19.60 -15.00 38.53
N GLY A 432 20.75 -14.32 38.66
CA GLY A 432 21.79 -14.42 37.65
C GLY A 432 22.53 -15.75 37.76
N TYR A 433 22.86 -16.35 36.61
CA TYR A 433 23.60 -17.59 36.58
C TYR A 433 25.10 -17.29 36.52
N ASN A 434 25.90 -18.09 37.27
CA ASN A 434 27.34 -17.97 37.22
C ASN A 434 27.94 -19.26 36.61
N GLY B 46 -20.52 -14.09 -23.77
CA GLY B 46 -21.22 -12.99 -24.53
C GLY B 46 -22.49 -12.50 -23.84
N SER B 47 -22.77 -13.08 -22.66
CA SER B 47 -23.94 -12.77 -21.85
C SER B 47 -23.58 -12.87 -20.36
N PHE B 48 -23.73 -11.75 -19.64
CA PHE B 48 -23.34 -11.63 -18.25
C PHE B 48 -24.49 -10.97 -17.47
N VAL B 49 -25.64 -11.66 -17.46
CA VAL B 49 -26.92 -11.13 -17.03
C VAL B 49 -26.83 -10.55 -15.62
N GLU B 50 -26.03 -11.19 -14.76
CA GLU B 50 -25.90 -10.80 -13.36
C GLU B 50 -25.33 -9.39 -13.27
N MET B 51 -24.59 -8.96 -14.29
CA MET B 51 -23.91 -7.66 -14.20
C MET B 51 -24.60 -6.58 -15.02
N VAL B 52 -25.47 -6.97 -15.94
CA VAL B 52 -26.22 -5.96 -16.69
C VAL B 52 -27.04 -5.09 -15.72
N ASP B 53 -27.01 -3.78 -15.97
CA ASP B 53 -27.82 -2.80 -15.26
C ASP B 53 -27.33 -2.62 -13.82
N ASN B 54 -26.02 -2.83 -13.57
CA ASN B 54 -25.46 -2.71 -12.22
C ASN B 54 -25.00 -1.28 -11.91
N LEU B 55 -25.12 -0.33 -12.85
CA LEU B 55 -24.72 1.05 -12.58
C LEU B 55 -25.92 1.96 -12.40
N ARG B 56 -25.68 3.04 -11.62
CA ARG B 56 -26.61 4.16 -11.51
CA ARG B 56 -26.62 4.16 -11.51
C ARG B 56 -25.81 5.46 -11.60
N GLY B 57 -26.50 6.57 -11.87
CA GLY B 57 -25.88 7.87 -11.90
C GLY B 57 -26.12 8.59 -13.21
N LYS B 58 -25.28 9.59 -13.48
CA LYS B 58 -25.44 10.45 -14.64
C LYS B 58 -24.12 11.17 -14.92
N SER B 59 -24.01 11.80 -16.10
CA SER B 59 -22.72 12.34 -16.52
C SER B 59 -22.22 13.46 -15.61
N GLY B 60 -23.14 14.28 -15.06
CA GLY B 60 -22.70 15.44 -14.30
C GLY B 60 -22.15 15.10 -12.92
N GLN B 61 -22.51 13.91 -12.40
CA GLN B 61 -22.15 13.56 -11.02
C GLN B 61 -21.43 12.22 -10.90
N GLY B 62 -21.40 11.44 -11.99
CA GLY B 62 -20.70 10.17 -12.02
C GLY B 62 -21.63 8.96 -12.01
N TYR B 63 -21.11 7.85 -12.52
CA TYR B 63 -21.76 6.55 -12.53
C TYR B 63 -21.11 5.69 -11.46
N TYR B 64 -21.92 4.95 -10.70
CA TYR B 64 -21.41 4.21 -9.56
C TYR B 64 -21.97 2.79 -9.53
N VAL B 65 -21.22 1.91 -8.85
CA VAL B 65 -21.55 0.51 -8.65
C VAL B 65 -21.58 0.24 -7.14
N GLU B 66 -22.45 -0.68 -6.73
CA GLU B 66 -22.48 -1.07 -5.32
CA GLU B 66 -22.51 -1.10 -5.33
C GLU B 66 -21.32 -2.03 -5.04
N MET B 67 -20.65 -1.78 -3.90
CA MET B 67 -19.60 -2.68 -3.43
C MET B 67 -19.81 -2.95 -1.94
N THR B 68 -19.12 -3.98 -1.42
CA THR B 68 -19.04 -4.11 0.03
C THR B 68 -17.58 -4.16 0.43
N VAL B 69 -17.31 -3.64 1.63
CA VAL B 69 -15.99 -3.67 2.24
C VAL B 69 -16.12 -4.20 3.65
N GLY B 70 -15.15 -5.03 4.06
CA GLY B 70 -15.03 -5.41 5.47
C GLY B 70 -15.88 -6.61 5.86
N SER B 71 -15.72 -7.02 7.13
CA SER B 71 -16.43 -8.17 7.70
C SER B 71 -17.02 -7.75 9.05
N PRO B 72 -18.35 -7.76 9.21
CA PRO B 72 -19.33 -8.11 8.19
C PRO B 72 -19.36 -7.04 7.10
N PRO B 73 -19.93 -7.36 5.91
CA PRO B 73 -19.87 -6.45 4.77
C PRO B 73 -20.56 -5.11 5.04
N GLN B 74 -19.84 -4.04 4.72
CA GLN B 74 -20.38 -2.68 4.75
C GLN B 74 -20.66 -2.26 3.31
N THR B 75 -21.93 -1.97 2.99
CA THR B 75 -22.31 -1.59 1.63
C THR B 75 -22.00 -0.11 1.39
N LEU B 76 -21.36 0.17 0.24
CA LEU B 76 -21.08 1.53 -0.21
C LEU B 76 -21.28 1.61 -1.72
N ASN B 77 -21.71 2.80 -2.18
CA ASN B 77 -21.78 3.10 -3.61
C ASN B 77 -20.45 3.72 -4.05
N ILE B 78 -19.90 3.22 -5.17
CA ILE B 78 -18.53 3.55 -5.55
C ILE B 78 -18.49 4.08 -6.99
N LEU B 79 -17.99 5.31 -7.14
CA LEU B 79 -17.81 5.95 -8.44
C LEU B 79 -16.86 5.12 -9.30
N VAL B 80 -17.27 4.84 -10.55
CA VAL B 80 -16.39 4.16 -11.49
C VAL B 80 -15.52 5.19 -12.20
N ASP B 81 -14.20 5.15 -11.95
CA ASP B 81 -13.29 6.17 -12.46
C ASP B 81 -12.15 5.51 -13.27
N THR B 82 -12.26 5.51 -14.60
CA THR B 82 -11.18 4.99 -15.44
C THR B 82 -9.99 5.95 -15.56
N GLY B 83 -10.10 7.14 -14.93
CA GLY B 83 -9.07 8.15 -14.96
C GLY B 83 -8.13 8.19 -13.74
N SER B 84 -8.27 7.23 -12.81
CA SER B 84 -7.40 7.15 -11.64
C SER B 84 -7.25 5.69 -11.23
N SER B 85 -6.45 5.41 -10.19
CA SER B 85 -6.04 4.03 -9.92
C SER B 85 -6.12 3.64 -8.45
N ASN B 86 -6.74 4.48 -7.61
CA ASN B 86 -6.91 4.16 -6.20
C ASN B 86 -8.35 3.76 -5.90
N PHE B 87 -8.49 2.77 -5.02
CA PHE B 87 -9.77 2.47 -4.39
C PHE B 87 -9.82 3.23 -3.07
N ALA B 88 -10.75 4.20 -2.98
CA ALA B 88 -10.77 5.04 -1.79
C ALA B 88 -12.22 5.29 -1.39
N VAL B 89 -12.48 5.26 -0.08
CA VAL B 89 -13.84 5.38 0.41
C VAL B 89 -13.89 6.41 1.54
N GLY B 90 -14.98 7.19 1.60
CA GLY B 90 -15.25 8.01 2.78
C GLY B 90 -15.17 7.13 4.03
N ALA B 91 -14.42 7.61 5.05
CA ALA B 91 -14.22 6.84 6.26
C ALA B 91 -14.38 7.72 7.50
N ALA B 92 -15.01 8.88 7.31
CA ALA B 92 -15.32 9.80 8.39
C ALA B 92 -16.52 10.62 7.96
N PRO B 93 -17.31 11.18 8.90
CA PRO B 93 -18.45 12.03 8.53
C PRO B 93 -18.11 13.16 7.57
N HIS B 94 -19.02 13.38 6.62
CA HIS B 94 -18.93 14.48 5.68
C HIS B 94 -20.37 14.90 5.39
N PRO B 95 -20.66 16.22 5.22
CA PRO B 95 -22.01 16.69 4.92
C PRO B 95 -22.70 15.98 3.76
N PHE B 96 -21.92 15.50 2.78
CA PHE B 96 -22.50 14.90 1.59
C PHE B 96 -22.50 13.36 1.64
N LEU B 97 -22.04 12.77 2.75
CA LEU B 97 -22.04 11.32 2.92
C LEU B 97 -23.17 10.90 3.87
N HIS B 98 -23.98 9.92 3.44
CA HIS B 98 -25.00 9.34 4.30
CA HIS B 98 -25.00 9.34 4.30
C HIS B 98 -24.45 8.09 4.99
N ARG B 99 -23.33 7.57 4.48
CA ARG B 99 -22.65 6.44 5.11
C ARG B 99 -21.16 6.49 4.77
N TYR B 100 -20.38 5.75 5.56
CA TYR B 100 -18.93 5.73 5.39
C TYR B 100 -18.37 4.45 5.98
N TYR B 101 -17.14 4.12 5.57
CA TYR B 101 -16.46 2.91 6.00
C TYR B 101 -16.01 3.10 7.45
N GLN B 102 -16.39 2.13 8.30
CA GLN B 102 -16.03 2.12 9.71
C GLN B 102 -15.05 0.97 9.95
N ARG B 103 -13.76 1.32 9.94
CA ARG B 103 -12.68 0.34 10.02
C ARG B 103 -12.74 -0.46 11.32
N GLN B 104 -13.12 0.20 12.42
CA GLN B 104 -13.18 -0.41 13.74
CA GLN B 104 -13.16 -0.43 13.73
C GLN B 104 -14.23 -1.52 13.80
N LEU B 105 -15.18 -1.54 12.83
CA LEU B 105 -16.23 -2.55 12.82
C LEU B 105 -15.95 -3.71 11.87
N SER B 106 -14.77 -3.69 11.23
CA SER B 106 -14.38 -4.76 10.32
C SER B 106 -13.29 -5.63 10.94
N SER B 107 -13.59 -6.93 11.12
CA SER B 107 -12.65 -7.88 11.72
C SER B 107 -11.48 -8.18 10.79
N THR B 108 -11.65 -7.85 9.48
CA THR B 108 -10.65 -8.20 8.48
C THR B 108 -9.83 -6.99 8.06
N TYR B 109 -10.09 -5.84 8.69
CA TYR B 109 -9.30 -4.63 8.43
C TYR B 109 -7.83 -4.86 8.80
N ARG B 110 -6.95 -4.41 7.90
CA ARG B 110 -5.51 -4.36 8.18
C ARG B 110 -5.02 -2.93 7.96
N ASP B 111 -4.33 -2.39 8.96
CA ASP B 111 -3.79 -1.05 8.92
C ASP B 111 -2.40 -1.08 8.27
N LEU B 112 -2.22 -0.29 7.19
CA LEU B 112 -0.90 -0.19 6.55
C LEU B 112 -0.03 0.88 7.20
N ARG B 113 -0.58 1.65 8.16
CA ARG B 113 0.16 2.64 8.95
CA ARG B 113 0.18 2.62 8.96
C ARG B 113 0.86 3.64 8.04
N LYS B 114 0.12 4.13 7.03
CA LYS B 114 0.66 5.07 6.07
C LYS B 114 -0.48 5.95 5.56
N GLY B 115 -0.18 7.24 5.40
CA GLY B 115 -1.11 8.20 4.83
C GLY B 115 -1.00 8.29 3.31
N VAL B 116 -2.01 8.90 2.69
CA VAL B 116 -1.97 9.21 1.28
C VAL B 116 -2.69 10.54 1.07
N TYR B 117 -2.06 11.43 0.29
CA TYR B 117 -2.60 12.75 0.01
C TYR B 117 -2.72 12.92 -1.49
N VAL B 118 -3.95 13.20 -1.96
CA VAL B 118 -4.25 13.24 -3.39
C VAL B 118 -4.84 14.60 -3.75
N PRO B 119 -4.00 15.66 -3.93
CA PRO B 119 -4.50 16.92 -4.48
C PRO B 119 -4.61 16.79 -6.01
N TYR B 120 -5.62 17.45 -6.57
CA TYR B 120 -5.80 17.49 -8.02
C TYR B 120 -6.32 18.89 -8.37
N THR B 121 -6.62 19.14 -9.66
CA THR B 121 -6.86 20.52 -10.05
C THR B 121 -8.03 21.12 -9.29
N GLN B 122 -9.19 20.44 -9.33
CA GLN B 122 -10.37 21.06 -8.78
C GLN B 122 -10.63 20.65 -7.32
N GLY B 123 -9.67 20.00 -6.63
CA GLY B 123 -10.00 19.43 -5.32
C GLY B 123 -8.90 18.57 -4.69
N LYS B 124 -9.24 17.91 -3.57
CA LYS B 124 -8.28 17.08 -2.85
C LYS B 124 -9.00 15.99 -2.08
N TRP B 125 -8.31 14.88 -1.85
CA TRP B 125 -8.70 14.04 -0.72
C TRP B 125 -7.45 13.53 -0.02
N GLU B 126 -7.64 13.17 1.26
CA GLU B 126 -6.54 12.68 2.04
C GLU B 126 -7.04 11.50 2.88
N GLY B 127 -6.20 10.49 3.05
CA GLY B 127 -6.67 9.38 3.85
C GLY B 127 -5.56 8.49 4.37
N GLU B 128 -6.01 7.35 4.92
CA GLU B 128 -5.15 6.42 5.61
C GLU B 128 -5.27 5.08 4.89
N LEU B 129 -4.11 4.49 4.58
CA LEU B 129 -4.08 3.26 3.80
C LEU B 129 -4.28 2.04 4.69
N GLY B 130 -4.95 1.03 4.11
CA GLY B 130 -5.13 -0.26 4.73
C GLY B 130 -5.58 -1.27 3.69
N THR B 131 -5.88 -2.49 4.15
CA THR B 131 -6.50 -3.47 3.25
C THR B 131 -7.73 -4.05 3.94
N ASP B 132 -8.60 -4.63 3.12
CA ASP B 132 -9.77 -5.31 3.66
C ASP B 132 -10.33 -6.21 2.57
N LEU B 133 -11.33 -7.02 2.93
CA LEU B 133 -12.01 -7.85 1.95
C LEU B 133 -13.07 -7.01 1.24
N VAL B 134 -13.18 -7.22 -0.07
CA VAL B 134 -14.04 -6.40 -0.92
C VAL B 134 -14.81 -7.31 -1.88
N SER B 135 -16.10 -7.01 -2.07
CA SER B 135 -16.97 -7.75 -2.97
CA SER B 135 -16.91 -7.75 -3.01
CA SER B 135 -16.94 -7.75 -2.99
C SER B 135 -17.76 -6.77 -3.83
N ILE B 136 -18.28 -7.27 -4.95
CA ILE B 136 -19.15 -6.50 -5.83
C ILE B 136 -20.45 -7.31 -5.97
N PRO B 137 -21.51 -6.97 -5.21
CA PRO B 137 -22.75 -7.76 -5.22
C PRO B 137 -23.32 -8.10 -6.59
N HIS B 138 -23.32 -7.13 -7.50
CA HIS B 138 -23.79 -7.35 -8.86
C HIS B 138 -22.57 -7.39 -9.79
N GLY B 139 -21.59 -8.17 -9.38
CA GLY B 139 -20.36 -8.35 -10.13
C GLY B 139 -20.03 -9.83 -10.12
N PRO B 140 -18.75 -10.22 -10.33
CA PRO B 140 -18.34 -11.62 -10.21
C PRO B 140 -18.56 -12.06 -8.76
N ASN B 141 -18.83 -13.36 -8.61
CA ASN B 141 -19.08 -13.98 -7.33
C ASN B 141 -17.74 -14.28 -6.66
N VAL B 142 -16.99 -13.22 -6.31
CA VAL B 142 -15.70 -13.39 -5.68
C VAL B 142 -15.52 -12.33 -4.59
N THR B 143 -14.64 -12.63 -3.63
CA THR B 143 -14.19 -11.67 -2.63
C THR B 143 -12.67 -11.59 -2.72
N VAL B 144 -12.14 -10.37 -2.68
CA VAL B 144 -10.69 -10.23 -2.77
C VAL B 144 -10.19 -9.34 -1.63
N ARG B 145 -8.91 -9.52 -1.31
CA ARG B 145 -8.29 -8.59 -0.37
C ARG B 145 -7.63 -7.49 -1.19
N ALA B 146 -8.04 -6.24 -0.92
CA ALA B 146 -7.60 -5.12 -1.73
C ALA B 146 -7.15 -3.97 -0.85
N ASN B 147 -6.28 -3.12 -1.43
CA ASN B 147 -5.93 -1.84 -0.83
C ASN B 147 -7.16 -0.95 -0.75
N ILE B 148 -7.30 -0.23 0.38
CA ILE B 148 -8.36 0.75 0.54
C ILE B 148 -7.77 1.99 1.21
N ALA B 149 -8.00 3.16 0.58
CA ALA B 149 -7.65 4.43 1.20
C ALA B 149 -8.89 4.93 1.93
N ALA B 150 -8.80 5.01 3.26
CA ALA B 150 -9.88 5.51 4.09
C ALA B 150 -9.82 7.03 4.12
N ILE B 151 -10.74 7.70 3.41
CA ILE B 151 -10.70 9.16 3.28
C ILE B 151 -11.17 9.82 4.57
N THR B 152 -10.30 10.68 5.13
CA THR B 152 -10.57 11.37 6.39
C THR B 152 -10.77 12.87 6.20
N GLU B 153 -10.24 13.43 5.10
CA GLU B 153 -10.36 14.84 4.78
C GLU B 153 -10.51 14.99 3.27
N SER B 154 -11.27 16.01 2.84
CA SER B 154 -11.47 16.18 1.40
C SER B 154 -11.88 17.61 1.10
N ASP B 155 -11.75 17.98 -0.17
CA ASP B 155 -12.08 19.31 -0.66
C ASP B 155 -12.69 19.14 -2.05
N LYS B 156 -14.00 19.39 -2.16
CA LYS B 156 -14.74 19.34 -3.42
C LYS B 156 -14.56 18.00 -4.12
N PHE B 157 -14.54 16.92 -3.34
CA PHE B 157 -14.43 15.59 -3.90
C PHE B 157 -15.81 14.96 -3.93
N PHE B 158 -16.39 14.73 -2.73
CA PHE B 158 -17.76 14.26 -2.65
C PHE B 158 -18.71 15.29 -3.25
N ILE B 159 -19.79 14.76 -3.86
CA ILE B 159 -20.76 15.55 -4.60
C ILE B 159 -22.13 15.40 -3.92
N ASN B 160 -22.71 16.53 -3.55
CA ASN B 160 -24.00 16.56 -2.90
C ASN B 160 -25.05 15.91 -3.79
N GLY B 161 -25.71 14.86 -3.27
CA GLY B 161 -26.81 14.18 -3.93
C GLY B 161 -26.38 13.14 -4.97
N SER B 162 -25.07 12.86 -5.07
CA SER B 162 -24.56 11.96 -6.09
C SER B 162 -24.82 10.48 -5.75
N ASN B 163 -25.02 10.17 -4.46
CA ASN B 163 -25.32 8.84 -3.97
CA ASN B 163 -25.32 8.84 -3.91
C ASN B 163 -24.09 7.94 -3.89
N TRP B 164 -22.88 8.47 -4.19
CA TRP B 164 -21.68 7.64 -4.03
C TRP B 164 -20.82 8.12 -2.87
N GLU B 165 -20.06 7.18 -2.29
CA GLU B 165 -19.35 7.39 -1.04
C GLU B 165 -17.88 7.00 -1.17
N GLY B 166 -17.47 6.57 -2.36
CA GLY B 166 -16.08 6.20 -2.59
C GLY B 166 -15.82 6.15 -4.09
N ILE B 167 -14.58 5.78 -4.46
CA ILE B 167 -14.14 5.81 -5.85
C ILE B 167 -13.37 4.52 -6.16
N LEU B 168 -13.62 3.98 -7.36
CA LEU B 168 -12.91 2.81 -7.86
C LEU B 168 -12.06 3.25 -9.05
N GLY B 169 -10.78 3.49 -8.79
CA GLY B 169 -9.86 3.85 -9.86
C GLY B 169 -9.45 2.62 -10.63
N LEU B 170 -9.83 2.56 -11.91
CA LEU B 170 -9.64 1.37 -12.73
C LEU B 170 -8.41 1.46 -13.65
N ALA B 171 -7.66 2.57 -13.62
CA ALA B 171 -6.45 2.68 -14.42
C ALA B 171 -5.28 1.97 -13.74
N TYR B 172 -4.07 2.17 -14.27
CA TYR B 172 -2.96 1.29 -13.95
C TYR B 172 -2.12 1.81 -12.78
N ALA B 173 -1.26 0.93 -12.24
CA ALA B 173 -0.48 1.21 -11.05
C ALA B 173 0.41 2.45 -11.20
N GLU B 174 0.88 2.74 -12.41
CA GLU B 174 1.78 3.87 -12.62
C GLU B 174 1.25 5.15 -11.99
N ILE B 175 -0.07 5.35 -12.00
CA ILE B 175 -0.66 6.58 -11.50
C ILE B 175 -1.36 6.38 -10.15
N ALA B 176 -1.15 5.22 -9.51
CA ALA B 176 -1.60 5.03 -8.12
C ALA B 176 -0.87 5.99 -7.17
N ARG B 177 -1.59 6.43 -6.13
CA ARG B 177 -1.02 7.24 -5.04
C ARG B 177 -0.91 6.37 -3.78
N PRO B 178 0.19 6.51 -3.02
CA PRO B 178 1.24 7.50 -3.19
C PRO B 178 2.23 7.18 -4.29
N ASP B 179 2.29 5.90 -4.69
CA ASP B 179 3.19 5.47 -5.75
C ASP B 179 2.69 4.15 -6.32
N ASP B 180 3.43 3.64 -7.32
CA ASP B 180 3.04 2.46 -8.07
C ASP B 180 3.18 1.16 -7.28
N SER B 181 3.63 1.24 -6.02
CA SER B 181 3.67 0.04 -5.21
C SER B 181 2.30 -0.31 -4.64
N LEU B 182 1.34 0.61 -4.77
CA LEU B 182 0.01 0.36 -4.21
C LEU B 182 -0.86 -0.28 -5.27
N GLU B 183 -0.99 -1.61 -5.19
CA GLU B 183 -1.67 -2.38 -6.23
C GLU B 183 -3.11 -1.87 -6.37
N PRO B 184 -3.54 -1.46 -7.60
CA PRO B 184 -4.94 -1.09 -7.84
C PRO B 184 -5.90 -2.27 -7.67
N PHE B 185 -7.17 -1.95 -7.42
CA PHE B 185 -8.18 -2.95 -7.17
C PHE B 185 -8.27 -3.98 -8.31
N PHE B 186 -8.31 -3.50 -9.56
CA PHE B 186 -8.56 -4.45 -10.65
C PHE B 186 -7.40 -5.44 -10.79
N ASP B 187 -6.19 -4.95 -10.52
CA ASP B 187 -5.01 -5.81 -10.52
C ASP B 187 -5.13 -6.90 -9.45
N SER B 188 -5.58 -6.51 -8.25
CA SER B 188 -5.83 -7.49 -7.19
C SER B 188 -6.87 -8.52 -7.60
N LEU B 189 -7.95 -8.02 -8.21
CA LEU B 189 -9.05 -8.89 -8.61
C LEU B 189 -8.55 -9.97 -9.58
N VAL B 190 -7.81 -9.55 -10.60
CA VAL B 190 -7.30 -10.48 -11.60
C VAL B 190 -6.32 -11.49 -11.00
N LYS B 191 -5.44 -11.00 -10.11
CA LYS B 191 -4.39 -11.84 -9.53
CA LYS B 191 -4.40 -11.83 -9.54
C LYS B 191 -4.99 -12.90 -8.61
N GLN B 192 -6.04 -12.53 -7.87
CA GLN B 192 -6.59 -13.38 -6.82
C GLN B 192 -7.71 -14.32 -7.30
N THR B 193 -8.23 -14.10 -8.51
CA THR B 193 -9.39 -14.84 -8.99
C THR B 193 -9.17 -15.30 -10.44
N HIS B 194 -10.18 -15.93 -11.03
CA HIS B 194 -10.07 -16.31 -12.43
C HIS B 194 -10.76 -15.30 -13.34
N VAL B 195 -11.06 -14.10 -12.82
CA VAL B 195 -11.74 -13.10 -13.61
C VAL B 195 -10.81 -12.67 -14.75
N PRO B 196 -11.26 -12.75 -16.03
CA PRO B 196 -10.42 -12.31 -17.15
C PRO B 196 -10.02 -10.84 -17.03
N ASN B 197 -8.86 -10.50 -17.58
CA ASN B 197 -8.28 -9.17 -17.44
C ASN B 197 -8.91 -8.19 -18.45
N LEU B 198 -10.19 -7.85 -18.22
CA LEU B 198 -10.98 -7.06 -19.15
C LEU B 198 -12.19 -6.55 -18.37
N PHE B 199 -12.62 -5.31 -18.66
CA PHE B 199 -13.95 -4.91 -18.21
C PHE B 199 -14.54 -4.03 -19.31
N SER B 200 -15.86 -3.89 -19.29
CA SER B 200 -16.51 -3.05 -20.28
C SER B 200 -17.57 -2.17 -19.60
N LEU B 201 -17.79 -0.98 -20.17
CA LEU B 201 -18.70 0.00 -19.60
C LEU B 201 -19.72 0.46 -20.64
N GLN B 202 -20.99 0.38 -20.24
CA GLN B 202 -22.09 1.01 -20.94
C GLN B 202 -22.68 2.06 -20.01
N LEU B 203 -22.36 3.35 -20.25
CA LEU B 203 -22.91 4.44 -19.43
C LEU B 203 -24.11 4.99 -20.18
N CYS B 204 -25.26 5.07 -19.49
CA CYS B 204 -26.51 5.42 -20.18
C CYS B 204 -27.04 6.77 -19.74
N GLY B 205 -26.85 7.78 -20.59
CA GLY B 205 -27.45 9.08 -20.34
C GLY B 205 -28.93 9.03 -20.68
N ALA B 206 -29.75 9.71 -19.86
CA ALA B 206 -31.20 9.67 -20.05
C ALA B 206 -31.63 10.54 -21.24
N GLY B 207 -30.86 11.60 -21.52
CA GLY B 207 -31.25 12.60 -22.52
C GLY B 207 -32.19 13.68 -21.96
N PHE B 208 -32.46 13.62 -20.65
CA PHE B 208 -33.26 14.61 -19.94
C PHE B 208 -32.79 14.60 -18.49
N PRO B 209 -33.11 15.65 -17.69
CA PRO B 209 -32.61 15.71 -16.31
C PRO B 209 -33.29 14.68 -15.41
N LEU B 210 -32.54 14.26 -14.39
CA LEU B 210 -33.03 13.36 -13.35
C LEU B 210 -32.80 14.02 -12.00
N ASN B 211 -33.82 14.00 -11.12
CA ASN B 211 -33.62 14.38 -9.73
C ASN B 211 -33.01 13.19 -8.96
N GLN B 212 -32.61 13.41 -7.69
CA GLN B 212 -31.98 12.39 -6.88
C GLN B 212 -32.88 11.14 -6.81
N SER B 213 -34.19 11.37 -6.65
CA SER B 213 -35.21 10.33 -6.60
C SER B 213 -35.21 9.48 -7.87
N GLU B 214 -35.19 10.15 -9.03
CA GLU B 214 -35.18 9.50 -10.32
C GLU B 214 -33.86 8.76 -10.57
N VAL B 215 -32.73 9.38 -10.21
CA VAL B 215 -31.41 8.74 -10.32
C VAL B 215 -31.41 7.46 -9.51
N LEU B 216 -31.98 7.52 -8.29
CA LEU B 216 -31.95 6.38 -7.40
C LEU B 216 -32.77 5.22 -7.98
N ALA B 217 -33.84 5.56 -8.71
CA ALA B 217 -34.78 4.55 -9.17
C ALA B 217 -34.40 3.99 -10.55
N SER B 218 -33.57 4.73 -11.30
CA SER B 218 -33.27 4.49 -12.70
C SER B 218 -31.97 3.71 -12.86
N VAL B 219 -31.91 2.83 -13.86
CA VAL B 219 -30.70 2.13 -14.26
C VAL B 219 -29.83 3.10 -15.07
N GLY B 220 -28.56 3.21 -14.67
CA GLY B 220 -27.66 4.14 -15.34
C GLY B 220 -26.70 3.45 -16.32
N GLY B 221 -26.71 2.12 -16.37
CA GLY B 221 -25.81 1.42 -17.28
C GLY B 221 -25.26 0.14 -16.68
N SER B 222 -24.17 -0.37 -17.28
CA SER B 222 -23.59 -1.66 -16.92
C SER B 222 -22.07 -1.56 -16.88
N MET B 223 -21.47 -2.18 -15.85
CA MET B 223 -20.06 -2.50 -15.85
C MET B 223 -19.95 -4.02 -15.86
N ILE B 224 -19.50 -4.57 -17.00
CA ILE B 224 -19.31 -6.00 -17.11
C ILE B 224 -17.86 -6.31 -16.76
N ILE B 225 -17.69 -6.98 -15.64
CA ILE B 225 -16.37 -7.30 -15.12
CA ILE B 225 -16.37 -7.30 -15.10
C ILE B 225 -15.98 -8.68 -15.63
N GLY B 226 -14.91 -8.70 -16.45
CA GLY B 226 -14.36 -9.92 -16.99
C GLY B 226 -14.88 -10.31 -18.37
N GLY B 227 -15.64 -9.42 -19.04
CA GLY B 227 -16.20 -9.80 -20.32
C GLY B 227 -16.95 -8.67 -21.04
N ILE B 228 -17.61 -9.07 -22.13
CA ILE B 228 -18.35 -8.24 -23.08
C ILE B 228 -19.73 -8.87 -23.21
N ASP B 229 -20.78 -8.05 -23.05
CA ASP B 229 -22.14 -8.51 -23.21
C ASP B 229 -22.69 -7.93 -24.52
N HIS B 230 -23.09 -8.83 -25.42
CA HIS B 230 -23.48 -8.47 -26.77
C HIS B 230 -24.77 -7.64 -26.82
N SER B 231 -25.58 -7.69 -25.74
CA SER B 231 -26.85 -6.97 -25.70
C SER B 231 -26.65 -5.45 -25.56
N LEU B 232 -25.43 -5.01 -25.21
CA LEU B 232 -25.23 -3.63 -24.80
C LEU B 232 -24.81 -2.75 -25.98
N TYR B 233 -24.62 -3.34 -27.16
CA TYR B 233 -24.17 -2.58 -28.31
C TYR B 233 -24.82 -3.10 -29.59
N THR B 234 -24.70 -2.28 -30.64
CA THR B 234 -25.12 -2.66 -31.97
C THR B 234 -23.93 -2.50 -32.92
N GLY B 235 -23.97 -3.21 -34.05
CA GLY B 235 -22.89 -3.14 -35.02
C GLY B 235 -21.59 -3.73 -34.47
N SER B 236 -20.47 -3.32 -35.05
CA SER B 236 -19.17 -3.92 -34.77
C SER B 236 -18.41 -3.16 -33.69
N LEU B 237 -17.58 -3.90 -32.94
CA LEU B 237 -16.57 -3.29 -32.08
C LEU B 237 -15.32 -3.00 -32.91
N TRP B 238 -14.81 -1.76 -32.78
CA TRP B 238 -13.55 -1.34 -33.36
C TRP B 238 -12.56 -1.03 -32.24
N TYR B 239 -11.29 -1.44 -32.40
CA TYR B 239 -10.33 -1.32 -31.32
C TYR B 239 -9.20 -0.36 -31.67
N THR B 240 -8.83 0.44 -30.66
CA THR B 240 -7.70 1.36 -30.70
C THR B 240 -6.67 0.87 -29.69
N PRO B 241 -5.35 0.89 -29.99
CA PRO B 241 -4.35 0.50 -28.99
C PRO B 241 -4.35 1.38 -27.74
N ILE B 242 -4.13 0.74 -26.59
CA ILE B 242 -3.70 1.48 -25.42
C ILE B 242 -2.23 1.83 -25.64
N ARG B 243 -1.94 3.13 -25.74
CA ARG B 243 -0.61 3.57 -26.15
C ARG B 243 0.41 3.18 -25.08
N ARG B 244 0.00 3.35 -23.82
CA ARG B 244 0.82 3.06 -22.66
C ARG B 244 -0.11 2.83 -21.48
N GLU B 245 0.27 1.89 -20.61
CA GLU B 245 -0.56 1.49 -19.48
C GLU B 245 -0.28 2.39 -18.28
N TRP B 246 -0.97 3.53 -18.24
CA TRP B 246 -0.92 4.41 -17.08
C TRP B 246 -2.34 4.92 -16.86
N TYR B 247 -2.70 6.01 -17.54
CA TYR B 247 -4.09 6.24 -17.92
C TYR B 247 -4.47 5.25 -19.02
N TYR B 248 -5.76 5.22 -19.37
CA TYR B 248 -6.15 4.57 -20.61
C TYR B 248 -5.89 5.51 -21.77
N GLU B 249 -4.62 5.56 -22.22
CA GLU B 249 -4.17 6.52 -23.21
C GLU B 249 -4.37 5.98 -24.61
N VAL B 250 -4.92 6.85 -25.48
CA VAL B 250 -5.19 6.52 -26.87
C VAL B 250 -4.65 7.63 -27.77
N ILE B 251 -4.70 7.41 -29.10
CA ILE B 251 -4.22 8.41 -30.04
CA ILE B 251 -4.20 8.36 -30.08
C ILE B 251 -5.33 8.75 -31.04
N ILE B 252 -5.69 10.04 -31.05
CA ILE B 252 -6.64 10.62 -32.00
C ILE B 252 -5.85 11.12 -33.21
N VAL B 253 -6.33 10.78 -34.42
CA VAL B 253 -5.55 11.06 -35.63
C VAL B 253 -6.22 12.08 -36.55
N ARG B 254 -7.51 12.35 -36.31
CA ARG B 254 -8.27 13.27 -37.16
C ARG B 254 -9.51 13.67 -36.38
N VAL B 255 -9.94 14.93 -36.55
CA VAL B 255 -11.19 15.42 -35.96
C VAL B 255 -12.02 16.10 -37.06
N GLU B 256 -13.31 15.76 -37.11
CA GLU B 256 -14.23 16.42 -38.02
C GLU B 256 -15.44 16.99 -37.27
N ILE B 257 -15.94 18.12 -37.76
CA ILE B 257 -17.20 18.71 -37.30
C ILE B 257 -18.13 18.71 -38.52
N ASN B 258 -19.20 17.91 -38.48
CA ASN B 258 -20.06 17.73 -39.63
C ASN B 258 -19.24 17.45 -40.90
N GLY B 259 -18.28 16.53 -40.79
CA GLY B 259 -17.54 16.09 -41.95
C GLY B 259 -16.40 17.02 -42.35
N GLN B 260 -16.33 18.23 -41.75
CA GLN B 260 -15.28 19.19 -42.08
C GLN B 260 -14.10 18.96 -41.17
N ASP B 261 -12.94 18.68 -41.79
CA ASP B 261 -11.70 18.42 -41.08
C ASP B 261 -11.28 19.67 -40.29
N LEU B 262 -11.01 19.51 -38.98
CA LEU B 262 -10.44 20.60 -38.19
C LEU B 262 -9.05 21.00 -38.70
N LYS B 263 -8.37 20.06 -39.36
CA LYS B 263 -7.18 20.33 -40.17
C LYS B 263 -6.02 20.84 -39.30
N MET B 264 -5.91 20.30 -38.10
CA MET B 264 -4.79 20.62 -37.23
C MET B 264 -3.76 19.50 -37.34
N ASP B 265 -2.49 19.83 -37.04
CA ASP B 265 -1.47 18.81 -36.87
C ASP B 265 -1.99 17.87 -35.80
N CYS B 266 -2.00 16.55 -36.10
CA CYS B 266 -2.68 15.61 -35.22
C CYS B 266 -2.01 15.51 -33.84
N LYS B 267 -0.75 15.96 -33.73
CA LYS B 267 -0.11 16.07 -32.41
C LYS B 267 -0.93 16.95 -31.48
N GLU B 268 -1.57 18.00 -32.02
CA GLU B 268 -2.35 18.92 -31.21
C GLU B 268 -3.49 18.19 -30.51
N TYR B 269 -4.05 17.16 -31.16
CA TYR B 269 -5.19 16.44 -30.60
C TYR B 269 -4.82 15.62 -29.36
N ASN B 270 -3.52 15.32 -29.22
CA ASN B 270 -3.06 14.43 -28.15
C ASN B 270 -2.01 15.13 -27.29
N TYR B 271 -2.09 16.47 -27.22
CA TYR B 271 -1.12 17.24 -26.47
C TYR B 271 -1.68 17.54 -25.08
N ASP B 272 -1.13 16.95 -24.00
CA ASP B 272 0.07 16.12 -23.92
C ASP B 272 -0.28 14.63 -23.82
N LYS B 273 -1.58 14.30 -23.80
CA LYS B 273 -2.09 12.93 -23.87
C LYS B 273 -3.55 12.98 -24.27
N SER B 274 -4.10 11.83 -24.67
CA SER B 274 -5.55 11.64 -24.80
C SER B 274 -5.93 10.39 -24.01
N ILE B 275 -6.98 10.51 -23.19
CA ILE B 275 -7.37 9.41 -22.31
C ILE B 275 -8.88 9.20 -22.37
N VAL B 276 -9.30 8.00 -21.98
CA VAL B 276 -10.72 7.69 -21.79
C VAL B 276 -10.99 7.70 -20.29
N ASP B 277 -11.90 8.58 -19.84
CA ASP B 277 -12.03 8.89 -18.42
C ASP B 277 -13.49 9.02 -18.00
N SER B 278 -14.02 7.95 -17.38
CA SER B 278 -15.39 7.97 -16.84
C SER B 278 -15.54 8.92 -15.64
N GLY B 279 -14.42 9.39 -15.07
CA GLY B 279 -14.47 10.29 -13.92
C GLY B 279 -14.37 11.76 -14.28
N THR B 280 -14.56 12.08 -15.58
CA THR B 280 -14.70 13.45 -16.07
C THR B 280 -16.04 13.54 -16.79
N THR B 281 -16.80 14.61 -16.55
CA THR B 281 -18.10 14.76 -17.21
C THR B 281 -17.92 15.02 -18.71
N ASN B 282 -17.10 16.01 -19.06
CA ASN B 282 -17.10 16.59 -20.40
C ASN B 282 -16.19 15.86 -21.37
N LEU B 283 -16.37 16.15 -22.66
CA LEU B 283 -15.26 16.03 -23.60
C LEU B 283 -14.37 17.25 -23.36
N ARG B 284 -13.13 17.01 -22.90
CA ARG B 284 -12.19 18.12 -22.70
C ARG B 284 -11.14 18.06 -23.81
N LEU B 285 -10.84 19.23 -24.37
CA LEU B 285 -9.90 19.32 -25.49
C LEU B 285 -8.78 20.29 -25.13
N PRO B 286 -7.52 20.02 -25.58
CA PRO B 286 -6.42 20.97 -25.41
C PRO B 286 -6.81 22.34 -25.95
N LYS B 287 -6.33 23.40 -25.30
CA LYS B 287 -6.67 24.80 -25.61
C LYS B 287 -6.80 25.06 -27.12
N LYS B 288 -5.75 24.75 -27.91
CA LYS B 288 -5.75 25.11 -29.33
C LYS B 288 -6.87 24.36 -30.07
N VAL B 289 -7.07 23.10 -29.68
CA VAL B 289 -8.09 22.24 -30.29
C VAL B 289 -9.48 22.73 -29.88
N PHE B 290 -9.64 23.04 -28.59
CA PHE B 290 -10.91 23.56 -28.09
C PHE B 290 -11.31 24.81 -28.87
N GLU B 291 -10.38 25.75 -29.06
CA GLU B 291 -10.70 27.01 -29.71
C GLU B 291 -11.16 26.76 -31.15
N ALA B 292 -10.47 25.86 -31.86
CA ALA B 292 -10.79 25.54 -33.24
C ALA B 292 -12.16 24.85 -33.32
N ALA B 293 -12.40 23.91 -32.39
CA ALA B 293 -13.64 23.15 -32.39
C ALA B 293 -14.83 24.05 -32.10
N VAL B 294 -14.71 24.92 -31.10
CA VAL B 294 -15.79 25.84 -30.74
CA VAL B 294 -15.82 25.78 -30.76
C VAL B 294 -16.12 26.77 -31.91
N LYS B 295 -15.07 27.28 -32.58
CA LYS B 295 -15.26 28.13 -33.76
CA LYS B 295 -15.29 28.15 -33.74
C LYS B 295 -16.11 27.40 -34.79
N SER B 296 -15.75 26.13 -35.05
CA SER B 296 -16.45 25.34 -36.05
C SER B 296 -17.88 25.01 -35.61
N ILE B 297 -18.09 24.67 -34.33
CA ILE B 297 -19.42 24.33 -33.85
C ILE B 297 -20.32 25.57 -33.87
N LYS B 298 -19.77 26.73 -33.50
CA LYS B 298 -20.51 27.99 -33.61
C LYS B 298 -20.92 28.26 -35.07
N ALA B 299 -19.98 28.04 -36.01
CA ALA B 299 -20.28 28.30 -37.42
C ALA B 299 -21.41 27.39 -37.91
N ALA B 300 -21.38 26.12 -37.48
CA ALA B 300 -22.34 25.13 -37.95
C ALA B 300 -23.73 25.42 -37.39
N SER B 301 -23.79 25.99 -36.17
CA SER B 301 -25.02 26.21 -35.45
C SER B 301 -25.51 27.67 -35.56
N SER B 302 -24.94 28.43 -36.49
CA SER B 302 -25.05 29.89 -36.50
C SER B 302 -26.46 30.42 -36.76
N THR B 303 -27.42 29.55 -37.13
CA THR B 303 -28.79 30.01 -37.30
CA THR B 303 -28.80 29.99 -37.29
C THR B 303 -29.40 30.45 -35.96
N GLU B 304 -28.81 29.99 -34.84
CA GLU B 304 -29.17 30.49 -33.51
CA GLU B 304 -29.16 30.49 -33.52
C GLU B 304 -27.90 30.98 -32.82
N LYS B 305 -28.03 32.08 -32.07
CA LYS B 305 -26.90 32.66 -31.36
C LYS B 305 -27.06 32.41 -29.86
N PHE B 306 -25.96 32.02 -29.22
CA PHE B 306 -25.97 31.71 -27.80
C PHE B 306 -24.95 32.59 -27.09
N PRO B 307 -25.17 32.88 -25.78
CA PRO B 307 -24.25 33.72 -25.03
C PRO B 307 -22.89 33.05 -24.87
N ASP B 308 -21.85 33.87 -24.67
CA ASP B 308 -20.51 33.37 -24.41
C ASP B 308 -20.51 32.35 -23.28
N GLY B 309 -21.33 32.59 -22.24
CA GLY B 309 -21.37 31.73 -21.07
C GLY B 309 -21.83 30.31 -21.43
N PHE B 310 -22.65 30.20 -22.49
CA PHE B 310 -23.05 28.88 -22.97
C PHE B 310 -21.81 28.15 -23.49
N TRP B 311 -21.05 28.77 -24.40
CA TRP B 311 -19.89 28.14 -25.01
C TRP B 311 -18.76 27.87 -24.01
N LEU B 312 -18.77 28.57 -22.86
CA LEU B 312 -17.81 28.37 -21.78
C LEU B 312 -18.24 27.25 -20.84
N GLY B 313 -19.41 26.65 -21.11
CA GLY B 313 -19.87 25.48 -20.40
C GLY B 313 -20.47 25.81 -19.03
N GLU B 314 -20.71 27.10 -18.78
CA GLU B 314 -21.11 27.61 -17.48
C GLU B 314 -22.62 27.83 -17.42
N GLN B 315 -23.22 28.25 -18.53
CA GLN B 315 -24.59 28.76 -18.55
C GLN B 315 -25.49 27.81 -19.33
N LEU B 316 -26.72 27.59 -18.84
CA LEU B 316 -27.64 26.74 -19.58
C LEU B 316 -28.29 27.49 -20.74
N VAL B 317 -28.76 26.71 -21.71
CA VAL B 317 -29.68 27.20 -22.74
CA VAL B 317 -29.69 27.20 -22.73
C VAL B 317 -30.93 26.31 -22.70
N CYS B 318 -32.10 26.95 -22.90
CA CYS B 318 -33.37 26.23 -22.81
C CYS B 318 -34.20 26.47 -24.06
N TRP B 319 -34.97 25.43 -24.43
CA TRP B 319 -35.98 25.53 -25.48
C TRP B 319 -37.32 25.06 -24.95
N GLN B 320 -38.40 25.53 -25.58
CA GLN B 320 -39.74 25.01 -25.27
C GLN B 320 -39.73 23.48 -25.36
N ALA B 321 -40.52 22.84 -24.46
CA ALA B 321 -40.59 21.39 -24.37
C ALA B 321 -40.66 20.76 -25.75
N GLY B 322 -39.72 19.84 -26.02
CA GLY B 322 -39.76 19.06 -27.26
C GLY B 322 -39.13 19.75 -28.46
N THR B 323 -38.71 21.02 -28.34
CA THR B 323 -38.32 21.81 -29.51
C THR B 323 -36.81 22.01 -29.62
N THR B 324 -36.01 21.27 -28.86
CA THR B 324 -34.56 21.40 -28.98
C THR B 324 -34.18 21.22 -30.46
N PRO B 325 -33.45 22.19 -31.07
CA PRO B 325 -33.15 22.14 -32.50
C PRO B 325 -31.89 21.32 -32.78
N TRP B 326 -31.96 20.02 -32.48
CA TRP B 326 -30.81 19.14 -32.64
C TRP B 326 -30.15 19.35 -34.01
N ASN B 327 -30.97 19.48 -35.06
CA ASN B 327 -30.47 19.46 -36.43
C ASN B 327 -29.55 20.65 -36.73
N ILE B 328 -29.61 21.75 -35.96
CA ILE B 328 -28.74 22.89 -36.25
C ILE B 328 -27.33 22.64 -35.71
N PHE B 329 -27.20 21.68 -34.78
CA PHE B 329 -25.91 21.41 -34.19
C PHE B 329 -25.23 20.29 -34.97
N PRO B 330 -23.90 20.37 -35.13
CA PRO B 330 -23.18 19.38 -35.94
C PRO B 330 -22.85 18.10 -35.19
N VAL B 331 -22.60 17.03 -35.94
CA VAL B 331 -21.98 15.84 -35.37
C VAL B 331 -20.47 16.08 -35.22
N ILE B 332 -19.83 15.34 -34.31
CA ILE B 332 -18.39 15.43 -34.13
C ILE B 332 -17.81 14.03 -34.28
N SER B 333 -16.78 13.90 -35.12
CA SER B 333 -16.14 12.61 -35.34
C SER B 333 -14.69 12.68 -34.84
N LEU B 334 -14.32 11.71 -34.00
CA LEU B 334 -12.94 11.51 -33.57
C LEU B 334 -12.42 10.25 -34.26
N TYR B 335 -11.33 10.38 -35.01
CA TYR B 335 -10.73 9.23 -35.65
C TYR B 335 -9.63 8.73 -34.72
N LEU B 336 -9.64 7.42 -34.44
CA LEU B 336 -8.68 6.83 -33.54
C LEU B 336 -7.78 5.87 -34.30
N MET B 337 -6.53 5.71 -33.84
CA MET B 337 -5.61 4.76 -34.44
C MET B 337 -6.20 3.35 -34.36
N GLY B 338 -6.11 2.60 -35.45
CA GLY B 338 -6.58 1.22 -35.45
C GLY B 338 -5.49 0.24 -35.02
N GLU B 339 -5.85 -1.04 -34.97
CA GLU B 339 -4.91 -2.09 -34.64
C GLU B 339 -4.06 -2.51 -35.85
N VAL B 340 -4.58 -2.28 -37.07
CA VAL B 340 -3.89 -2.67 -38.29
C VAL B 340 -3.04 -1.48 -38.74
N THR B 341 -1.83 -1.77 -39.27
CA THR B 341 -0.94 -0.71 -39.74
CA THR B 341 -0.94 -0.70 -39.73
C THR B 341 -1.67 0.14 -40.77
N ASN B 342 -1.53 1.47 -40.63
CA ASN B 342 -2.07 2.47 -41.53
C ASN B 342 -3.60 2.47 -41.59
N GLN B 343 -4.28 1.94 -40.57
CA GLN B 343 -5.74 1.94 -40.52
CA GLN B 343 -5.74 1.92 -40.51
C GLN B 343 -6.21 2.74 -39.32
N SER B 344 -7.25 3.57 -39.54
CA SER B 344 -7.98 4.21 -38.45
C SER B 344 -9.47 3.87 -38.55
N PHE B 345 -10.21 4.21 -37.50
CA PHE B 345 -11.67 4.18 -37.53
C PHE B 345 -12.16 5.47 -36.89
N ARG B 346 -13.47 5.74 -37.00
CA ARG B 346 -13.99 6.94 -36.36
C ARG B 346 -15.17 6.61 -35.45
N ILE B 347 -15.28 7.39 -34.37
CA ILE B 347 -16.49 7.43 -33.56
C ILE B 347 -17.16 8.78 -33.78
N THR B 348 -18.49 8.76 -33.91
CA THR B 348 -19.22 9.98 -34.19
C THR B 348 -20.27 10.18 -33.11
N ILE B 349 -20.27 11.38 -32.51
CA ILE B 349 -21.27 11.73 -31.52
C ILE B 349 -22.19 12.83 -32.02
N LEU B 350 -23.35 12.88 -31.39
CA LEU B 350 -24.40 13.84 -31.74
C LEU B 350 -24.45 14.95 -30.70
N PRO B 351 -25.18 16.05 -30.97
CA PRO B 351 -25.48 17.03 -29.91
C PRO B 351 -26.22 16.37 -28.74
N GLN B 352 -26.93 15.25 -28.97
CA GLN B 352 -27.57 14.55 -27.85
C GLN B 352 -26.53 14.03 -26.85
N GLN B 353 -25.27 13.85 -27.28
CA GLN B 353 -24.19 13.52 -26.35
C GLN B 353 -23.53 14.77 -25.78
N TYR B 354 -23.15 15.74 -26.63
CA TYR B 354 -22.33 16.83 -26.13
C TYR B 354 -23.14 17.99 -25.53
N LEU B 355 -24.48 17.97 -25.64
CA LEU B 355 -25.32 18.86 -24.85
C LEU B 355 -25.85 18.07 -23.66
N ARG B 356 -25.42 18.46 -22.45
CA ARG B 356 -25.75 17.70 -21.24
C ARG B 356 -27.06 18.22 -20.66
N PRO B 357 -28.12 17.38 -20.52
CA PRO B 357 -29.38 17.83 -19.92
C PRO B 357 -29.18 18.32 -18.48
N VAL B 358 -29.80 19.46 -18.19
CA VAL B 358 -29.78 20.06 -16.86
C VAL B 358 -31.18 20.58 -16.53
N GLU B 359 -31.45 20.66 -15.23
CA GLU B 359 -32.68 21.28 -14.75
C GLU B 359 -32.60 22.79 -14.87
N ASP B 360 -33.75 23.36 -15.24
CA ASP B 360 -33.96 24.79 -15.33
C ASP B 360 -33.80 25.44 -13.97
N VAL B 361 -33.39 26.71 -14.04
CA VAL B 361 -33.21 27.60 -12.89
C VAL B 361 -34.55 27.82 -12.19
N ALA B 362 -35.64 27.25 -12.75
CA ALA B 362 -37.02 27.49 -12.36
C ALA B 362 -37.87 26.21 -12.42
N THR B 363 -37.26 25.08 -12.83
CA THR B 363 -37.86 23.74 -12.88
C THR B 363 -39.11 23.68 -13.77
N SER B 364 -39.07 24.46 -14.88
CA SER B 364 -40.13 24.62 -15.87
C SER B 364 -40.28 23.36 -16.73
N GLN B 365 -41.11 23.44 -17.78
CA GLN B 365 -41.25 22.34 -18.74
C GLN B 365 -40.28 22.47 -19.91
N ASP B 366 -39.43 23.50 -19.89
CA ASP B 366 -38.45 23.63 -20.96
C ASP B 366 -37.44 22.49 -20.92
N ASP B 367 -36.83 22.22 -22.08
CA ASP B 367 -35.69 21.30 -22.20
C ASP B 367 -34.43 22.13 -22.23
N CYS B 368 -33.55 21.93 -21.23
CA CYS B 368 -32.37 22.76 -21.03
C CYS B 368 -31.12 21.90 -20.99
N TYR B 369 -30.00 22.52 -21.40
CA TYR B 369 -28.74 21.81 -21.52
C TYR B 369 -27.57 22.75 -21.22
N LYS B 370 -26.44 22.14 -20.85
CA LYS B 370 -25.16 22.84 -20.88
C LYS B 370 -24.27 22.25 -21.97
N PHE B 371 -23.39 23.08 -22.51
CA PHE B 371 -22.40 22.65 -23.49
C PHE B 371 -21.30 21.87 -22.76
N ALA B 372 -21.18 20.56 -23.07
CA ALA B 372 -20.33 19.64 -22.32
C ALA B 372 -19.02 19.36 -23.06
N ILE B 373 -18.52 20.38 -23.77
CA ILE B 373 -17.17 20.40 -24.33
C ILE B 373 -16.44 21.56 -23.68
N SER B 374 -15.23 21.31 -23.15
CA SER B 374 -14.52 22.37 -22.44
C SER B 374 -13.01 22.26 -22.65
N GLN B 375 -12.30 23.30 -22.24
CA GLN B 375 -10.87 23.40 -22.48
C GLN B 375 -10.10 22.57 -21.45
N SER B 376 -8.98 21.99 -21.88
CA SER B 376 -8.05 21.25 -21.03
C SER B 376 -6.65 21.83 -21.15
N SER B 377 -5.85 21.74 -20.06
CA SER B 377 -4.41 21.96 -20.15
C SER B 377 -3.64 20.66 -19.92
N THR B 378 -4.36 19.53 -19.82
CA THR B 378 -3.76 18.24 -19.48
C THR B 378 -4.17 17.18 -20.51
N GLY B 379 -4.45 17.63 -21.74
CA GLY B 379 -4.70 16.71 -22.84
C GLY B 379 -6.20 16.53 -23.13
N THR B 380 -6.49 15.71 -24.14
CA THR B 380 -7.86 15.35 -24.44
C THR B 380 -8.39 14.41 -23.37
N VAL B 381 -9.63 14.67 -22.93
CA VAL B 381 -10.28 13.76 -22.01
C VAL B 381 -11.61 13.35 -22.62
N MET B 382 -11.72 12.07 -22.95
CA MET B 382 -12.98 11.54 -23.46
C MET B 382 -13.80 11.12 -22.24
N GLY B 383 -14.62 12.06 -21.75
CA GLY B 383 -15.34 11.89 -20.48
C GLY B 383 -16.69 11.22 -20.68
N ALA B 384 -17.53 11.31 -19.63
CA ALA B 384 -18.76 10.54 -19.57
C ALA B 384 -19.72 10.89 -20.72
N VAL B 385 -19.80 12.16 -21.13
CA VAL B 385 -20.74 12.52 -22.19
C VAL B 385 -20.38 11.85 -23.52
N ILE B 386 -19.09 11.60 -23.77
CA ILE B 386 -18.62 10.85 -24.94
CA ILE B 386 -18.78 10.87 -24.99
C ILE B 386 -18.92 9.36 -24.77
N MET B 387 -18.55 8.84 -23.59
CA MET B 387 -18.73 7.41 -23.32
C MET B 387 -20.21 7.02 -23.39
N GLU B 388 -21.13 7.94 -23.09
CA GLU B 388 -22.55 7.64 -23.15
C GLU B 388 -23.00 7.26 -24.57
N GLY B 389 -22.21 7.62 -25.60
CA GLY B 389 -22.55 7.26 -26.97
C GLY B 389 -22.23 5.80 -27.30
N PHE B 390 -21.36 5.17 -26.49
CA PHE B 390 -20.66 3.96 -26.91
C PHE B 390 -20.62 2.90 -25.81
N TYR B 391 -20.56 1.65 -26.24
CA TYR B 391 -20.11 0.59 -25.35
C TYR B 391 -18.59 0.56 -25.45
N VAL B 392 -17.93 0.71 -24.30
CA VAL B 392 -16.48 0.85 -24.29
C VAL B 392 -15.85 -0.37 -23.59
N VAL B 393 -14.99 -1.08 -24.34
CA VAL B 393 -14.34 -2.29 -23.84
C VAL B 393 -12.90 -1.98 -23.46
N PHE B 394 -12.59 -2.11 -22.16
CA PHE B 394 -11.24 -1.90 -21.66
C PHE B 394 -10.52 -3.25 -21.64
N ASP B 395 -9.96 -3.60 -22.80
CA ASP B 395 -9.36 -4.91 -22.99
C ASP B 395 -7.89 -4.84 -22.56
N ARG B 396 -7.69 -4.92 -21.23
CA ARG B 396 -6.36 -4.80 -20.65
C ARG B 396 -5.47 -5.94 -21.14
N ALA B 397 -6.05 -7.15 -21.28
CA ALA B 397 -5.31 -8.34 -21.70
C ALA B 397 -4.66 -8.15 -23.08
N ARG B 398 -5.34 -7.44 -23.99
CA ARG B 398 -4.82 -7.24 -25.33
C ARG B 398 -4.40 -5.79 -25.56
N LYS B 399 -4.28 -5.00 -24.47
CA LYS B 399 -3.75 -3.63 -24.51
C LYS B 399 -4.50 -2.81 -25.58
N ARG B 400 -5.83 -2.82 -25.51
CA ARG B 400 -6.65 -2.14 -26.50
C ARG B 400 -7.98 -1.70 -25.89
N ILE B 401 -8.59 -0.66 -26.51
CA ILE B 401 -9.89 -0.15 -26.13
CA ILE B 401 -9.90 -0.21 -26.12
C ILE B 401 -10.85 -0.33 -27.30
N GLY B 402 -11.98 -1.02 -27.06
CA GLY B 402 -12.99 -1.17 -28.10
C GLY B 402 -14.14 -0.19 -27.96
N PHE B 403 -14.66 0.25 -29.10
CA PHE B 403 -15.83 1.11 -29.16
C PHE B 403 -16.87 0.47 -30.07
N ALA B 404 -18.12 0.46 -29.61
CA ALA B 404 -19.27 0.15 -30.47
C ALA B 404 -20.39 1.12 -30.12
N VAL B 405 -21.32 1.32 -31.08
CA VAL B 405 -22.49 2.13 -30.80
C VAL B 405 -23.26 1.54 -29.62
N SER B 406 -23.60 2.40 -28.64
CA SER B 406 -24.29 1.93 -27.45
C SER B 406 -25.77 1.66 -27.76
N ALA B 407 -26.29 0.56 -27.20
CA ALA B 407 -27.71 0.26 -27.28
C ALA B 407 -28.55 1.27 -26.49
N CYS B 408 -27.91 2.09 -25.64
CA CYS B 408 -28.64 3.10 -24.86
C CYS B 408 -28.25 4.53 -25.21
N HIS B 409 -27.62 4.78 -26.37
CA HIS B 409 -27.30 6.16 -26.71
C HIS B 409 -28.56 6.93 -27.12
N VAL B 410 -28.59 8.21 -26.76
CA VAL B 410 -29.68 9.09 -27.12
C VAL B 410 -29.48 9.60 -28.56
N HIS B 411 -30.55 9.58 -29.36
CA HIS B 411 -30.46 10.08 -30.73
C HIS B 411 -31.83 10.61 -31.18
N ASP B 412 -31.96 10.89 -32.48
CA ASP B 412 -33.25 11.30 -33.04
C ASP B 412 -33.58 10.43 -34.25
N GLU B 413 -34.66 10.77 -34.97
CA GLU B 413 -35.13 9.94 -36.08
CA GLU B 413 -35.12 9.93 -36.08
C GLU B 413 -34.21 10.09 -37.29
N PHE B 414 -33.32 11.11 -37.28
CA PHE B 414 -32.57 11.46 -38.47
C PHE B 414 -31.10 11.03 -38.41
N ARG B 415 -30.54 10.95 -37.20
CA ARG B 415 -29.12 10.70 -37.01
C ARG B 415 -28.91 9.80 -35.78
N THR B 416 -27.84 9.01 -35.82
CA THR B 416 -27.42 8.20 -34.68
CA THR B 416 -27.41 8.13 -34.74
C THR B 416 -25.91 8.35 -34.50
N ALA B 417 -25.44 7.98 -33.30
CA ALA B 417 -24.01 7.85 -33.10
C ALA B 417 -23.48 6.75 -34.03
N ALA B 418 -22.17 6.74 -34.27
CA ALA B 418 -21.63 5.76 -35.20
C ALA B 418 -20.23 5.36 -34.78
N VAL B 419 -19.85 4.12 -35.15
CA VAL B 419 -18.47 3.66 -35.10
C VAL B 419 -18.23 2.99 -36.44
N GLU B 420 -17.27 3.52 -37.21
CA GLU B 420 -17.14 3.20 -38.63
C GLU B 420 -15.69 3.11 -39.04
N GLY B 421 -15.41 2.21 -39.98
CA GLY B 421 -14.05 2.08 -40.48
C GLY B 421 -14.01 1.03 -41.59
N PRO B 422 -12.81 0.78 -42.16
CA PRO B 422 -11.56 1.45 -41.86
C PRO B 422 -11.29 2.63 -42.80
N PHE B 423 -10.33 3.47 -42.40
CA PHE B 423 -9.78 4.54 -43.21
C PHE B 423 -8.27 4.34 -43.33
N VAL B 424 -7.72 4.63 -44.51
CA VAL B 424 -6.29 4.63 -44.65
C VAL B 424 -5.75 5.92 -44.03
N THR B 425 -4.85 5.76 -43.05
CA THR B 425 -4.28 6.90 -42.35
C THR B 425 -2.79 6.64 -42.13
N LEU B 426 -1.96 7.55 -42.62
CA LEU B 426 -0.52 7.36 -42.55
C LEU B 426 0.05 8.08 -41.34
N ASP B 427 1.23 7.59 -40.90
CA ASP B 427 2.09 8.23 -39.92
C ASP B 427 1.34 8.52 -38.62
N MET B 428 0.55 7.55 -38.15
CA MET B 428 -0.32 7.79 -37.01
C MET B 428 0.47 7.84 -35.70
N GLU B 429 1.62 7.15 -35.64
CA GLU B 429 2.46 7.18 -34.44
C GLU B 429 2.94 8.61 -34.17
N ASP B 430 3.07 9.41 -35.24
CA ASP B 430 3.51 10.80 -35.20
C ASP B 430 2.49 11.69 -34.49
N CYS B 431 1.25 11.20 -34.35
CA CYS B 431 0.21 11.97 -33.68
C CYS B 431 0.40 11.93 -32.15
N GLY B 432 1.16 10.95 -31.66
CA GLY B 432 1.42 10.83 -30.23
C GLY B 432 2.46 11.86 -29.78
N TYR B 433 2.25 12.39 -28.56
CA TYR B 433 3.14 13.40 -28.00
C TYR B 433 4.22 12.74 -27.15
N ASN B 434 5.45 13.25 -27.26
CA ASN B 434 6.57 12.79 -26.47
C ASN B 434 7.12 13.96 -25.63
C7 QK7 C . 16.11 -13.60 11.03
C6 QK7 C . 22.15 -12.96 12.20
C1 QK7 C . 29.37 -14.18 16.27
C5 QK7 C . 22.20 -13.87 15.92
C4 QK7 C . 26.93 -14.65 15.30
C3 QK7 C . 28.85 -13.44 15.23
C2 QK7 C . 28.56 -15.19 16.77
C8 QK7 C . 24.78 -15.94 15.32
C9 QK7 C . 25.03 -14.11 13.73
C10 QK7 C . 22.29 -16.45 14.94
C11 QK7 C . 22.83 -14.28 12.57
C12 QK7 C . 23.60 -15.93 14.34
C13 QK7 C . 21.31 -14.20 12.45
C14 QK7 C . 16.36 -12.33 11.81
C15 QK7 C . 17.26 -13.53 12.03
C16 QK7 C . 23.53 -14.47 13.89
C17 QK7 C . 15.42 -11.93 12.90
C18 QK7 C . 21.04 -14.54 9.93
C19 QK7 C . 20.86 -16.50 11.45
C20 QK7 C . 18.69 -13.50 11.52
C21 QK7 C . 20.61 -14.98 11.35
N22 QK7 C . 27.33 -15.44 16.31
N23 QK7 C . 27.62 -13.65 14.72
N24 QK7 C . 22.97 -13.55 14.89
N25 QK7 C . 25.66 -14.89 14.80
N26 QK7 C . 21.75 -12.92 16.79
O27 QK7 C . 19.17 -14.85 11.47
S28 QK7 C . 21.66 -15.50 16.33
C1 GOL D . 39.43 1.94 11.81
O1 GOL D . 40.65 2.51 11.31
C2 GOL D . 39.78 1.52 13.21
O2 GOL D . 40.06 2.72 13.94
C3 GOL D . 38.58 0.86 13.84
O3 GOL D . 38.96 0.64 15.19
C1 GOL E . 27.86 -5.50 -6.97
O1 GOL E . 26.81 -4.89 -6.21
C2 GOL E . 27.32 -6.14 -8.23
O2 GOL E . 26.41 -5.23 -8.88
C3 GOL E . 28.51 -6.38 -9.15
O3 GOL E . 28.06 -6.85 -10.42
C7 QK7 F . -18.40 13.80 -11.93
C6 QK7 F . -13.22 11.51 -9.48
C1 QK7 F . -4.88 10.55 -8.63
C5 QK7 F . -10.80 12.03 -12.39
C4 QK7 F . -7.24 11.69 -9.18
C3 QK7 F . -6.05 10.04 -8.11
C2 QK7 F . -4.98 11.66 -9.44
C8 QK7 F . -8.60 13.43 -10.35
C9 QK7 F . -9.75 11.77 -8.99
C10 QK7 F . -10.67 14.58 -11.37
C11 QK7 F . -12.14 12.56 -9.27
C12 QK7 F . -10.11 13.78 -10.20
C13 QK7 F . -13.39 12.90 -10.04
C14 QK7 F . -18.12 12.42 -12.47
C15 QK7 F . -16.97 13.31 -12.05
C16 QK7 F . -10.79 12.43 -9.95
C17 QK7 F . -18.31 12.14 -13.93
C18 QK7 F . -15.01 13.40 -8.09
C19 QK7 F . -13.73 15.23 -9.27
C20 QK7 F . -16.20 12.95 -10.80
C21 QK7 F . -14.39 13.85 -9.44
N22 QK7 F . -6.15 12.27 -9.76
N23 QK7 F . -7.26 10.60 -8.38
N24 QK7 F . -10.86 11.62 -11.17
N25 QK7 F . -8.46 12.26 -9.48
N26 QK7 F . -10.90 11.16 -13.43
O27 QK7 F . -15.46 14.09 -10.39
S28 QK7 F . -10.59 13.68 -12.95
C1 GOL G . -5.37 -8.59 11.34
O1 GOL G . -5.90 -8.85 12.63
C2 GOL G . -5.95 -9.66 10.45
O2 GOL G . -4.98 -9.94 9.45
C3 GOL G . -7.28 -9.19 9.86
O3 GOL G . -7.75 -10.09 8.82
C1 GOL H . -36.32 14.31 -24.95
O1 GOL H . -35.90 14.61 -26.27
C2 GOL H . -36.99 15.59 -24.46
O2 GOL H . -36.69 15.77 -23.08
C3 GOL H . -38.48 15.54 -24.71
O3 GOL H . -39.14 16.70 -24.14
C1 GOL I . -3.44 -6.75 -0.09
O1 GOL I . -3.19 -7.76 0.88
C2 GOL I . -2.65 -7.15 -1.31
O2 GOL I . -2.94 -8.51 -1.67
C3 GOL I . -3.13 -6.28 -2.42
O3 GOL I . -1.97 -6.08 -3.20
C1 GOL J . -21.63 5.06 8.96
O1 GOL J . -22.08 4.53 7.71
C2 GOL J . -22.78 5.73 9.71
O2 GOL J . -24.00 4.99 9.58
C3 GOL J . -22.36 5.74 11.17
O3 GOL J . -23.16 6.70 11.86
S SO4 K . -16.82 21.00 0.09
O1 SO4 K . -15.46 20.50 -0.05
O2 SO4 K . -17.71 20.36 -0.90
O3 SO4 K . -16.84 22.48 -0.13
O4 SO4 K . -17.28 20.71 1.47
#